data_6GIZ
#
_entry.id   6GIZ
#
_cell.length_a   126.730
_cell.length_b   126.730
_cell.length_c   107.040
_cell.angle_alpha   90.000
_cell.angle_beta   90.000
_cell.angle_gamma   120.000
#
_symmetry.space_group_name_H-M   'H 3'
#
loop_
_entity.id
_entity.type
_entity.pdbx_description
1 polymer 'Purple acid phosphatase'
2 branched 2-acetamido-2-deoxy-beta-D-glucopyranose-(1-4)-2-acetamido-2-deoxy-beta-D-glucopyranose
3 non-polymer 'FE (III) ION'
4 non-polymer 2-acetamido-2-deoxy-beta-D-glucopyranose
5 non-polymer 'PHOSPHATE ION'
6 non-polymer 'TRIETHYLENE GLYCOL'
7 non-polymer DI(HYDROXYETHYL)ETHER
8 non-polymer 1,2-ETHANEDIOL
9 water water
#
_entity_poly.entity_id   1
_entity_poly.type   'polypeptide(L)'
_entity_poly.pdbx_seq_one_letter_code
;EPASTLEGPSRPVTVPLREDRGHAVDLPDTDPRVQRRVTGWAPEQIAVALSAAPTSAWVSWITGDFQMGGAVKPLDPGTV
GSVVRYGLAADSLVREATGDALVYSQLYPFEGLQNYTSGIIHHVRLQGLEPGTKYYYQCGDPSIPGAMSAVHAFRTMPAV
GPRSYPGRIAVVGDLGLTYNTTSTVEHMASNQPDLVLLLGDVSYANLYLTNGTGTDCYSCSFAKSTPIHETYQPRWDYWG
RYMEPVTSSTPMMVVEGNHEIEQQIGNKTFAAYSARFAFPSMESESFSPFYYSFDAGGIHFIMLAAYADYSKSGEQYRWL
EKDLAKVDRSVTPWLVAGWHAPWYSTYKAHYREAECMRVAMEELLYSYGLDIVFTGHVHAYERSNRVFNYTLDPCGAVHI
SVGDGGNREKMATTHADDPGRCPEPMSTPDAFMGGFCAFNFTSGPAAGSFCWDRQPDYSAYRESSFGHGILEVKNETHAL
WKWHRNQDLYQGAVGDEIYIVREPERCLLKHHHHHH
;
_entity_poly.pdbx_strand_id   A
#
loop_
_chem_comp.id
_chem_comp.type
_chem_comp.name
_chem_comp.formula
EDO non-polymer 1,2-ETHANEDIOL 'C2 H6 O2'
FE non-polymer 'FE (III) ION' 'Fe 3'
NAG D-saccharide, beta linking 2-acetamido-2-deoxy-beta-D-glucopyranose 'C8 H15 N O6'
PEG non-polymer DI(HYDROXYETHYL)ETHER 'C4 H10 O3'
PGE non-polymer 'TRIETHYLENE GLYCOL' 'C6 H14 O4'
PO4 non-polymer 'PHOSPHATE ION' 'O4 P -3'
#
# COMPACT_ATOMS: atom_id res chain seq x y z
N PRO A 2 9.72 -21.38 -14.05
CA PRO A 2 10.37 -20.44 -13.13
C PRO A 2 11.03 -21.14 -11.95
N ALA A 3 11.95 -20.44 -11.29
CA ALA A 3 12.64 -21.03 -10.16
C ALA A 3 11.66 -21.32 -9.03
N SER A 4 12.18 -21.99 -8.01
CA SER A 4 11.45 -22.27 -6.79
C SER A 4 12.39 -22.02 -5.62
N THR A 5 11.87 -21.47 -4.53
CA THR A 5 12.74 -21.25 -3.37
C THR A 5 13.23 -22.57 -2.78
N LEU A 6 12.61 -23.69 -3.15
CA LEU A 6 13.13 -24.99 -2.72
C LEU A 6 14.52 -25.25 -3.27
N GLU A 7 14.87 -24.63 -4.39
CA GLU A 7 16.20 -24.82 -4.97
C GLU A 7 17.28 -24.08 -4.20
N GLY A 8 16.91 -23.28 -3.20
CA GLY A 8 17.86 -22.44 -2.51
C GLY A 8 17.99 -21.10 -3.19
N PRO A 9 18.89 -20.25 -2.67
CA PRO A 9 19.05 -18.90 -3.25
C PRO A 9 19.61 -18.98 -4.66
N SER A 10 19.19 -18.02 -5.49
CA SER A 10 19.66 -17.95 -6.87
C SER A 10 20.73 -16.87 -7.01
N ARG A 11 21.56 -17.05 -8.05
CA ARG A 11 22.60 -16.09 -8.35
C ARG A 11 21.97 -14.74 -8.68
N PRO A 12 22.43 -13.65 -8.07
CA PRO A 12 21.75 -12.36 -8.28
C PRO A 12 21.68 -11.94 -9.74
N VAL A 13 20.58 -11.30 -10.10
CA VAL A 13 20.33 -10.81 -11.45
C VAL A 13 20.01 -9.32 -11.39
N THR A 14 20.66 -8.54 -12.24
CA THR A 14 20.34 -7.12 -12.45
C THR A 14 19.99 -6.94 -13.92
N VAL A 15 18.79 -6.42 -14.18
CA VAL A 15 18.38 -6.14 -15.54
C VAL A 15 18.97 -4.81 -15.99
N PRO A 16 19.70 -4.77 -17.10
CA PRO A 16 20.29 -3.50 -17.55
C PRO A 16 19.23 -2.41 -17.70
N LEU A 17 19.63 -1.18 -17.41
CA LEU A 17 18.73 -0.03 -17.49
C LEU A 17 18.35 0.27 -18.93
N ARG A 18 17.12 0.75 -19.11
CA ARG A 18 16.69 1.31 -20.37
C ARG A 18 17.05 2.79 -20.43
N GLU A 19 17.16 3.31 -21.64
CA GLU A 19 17.52 4.72 -21.82
C GLU A 19 16.82 5.32 -23.03
N HIS A 23 10.45 12.05 -17.12
CA HIS A 23 9.65 11.46 -16.06
C HIS A 23 8.28 11.05 -16.57
N ALA A 24 7.50 10.44 -15.69
CA ALA A 24 6.08 10.25 -15.94
C ALA A 24 5.37 11.60 -15.80
N VAL A 25 4.27 11.76 -16.54
CA VAL A 25 3.50 13.00 -16.56
C VAL A 25 2.23 12.79 -15.75
N ASP A 26 1.97 13.69 -14.80
CA ASP A 26 0.76 13.56 -14.00
CA ASP A 26 0.76 13.60 -14.00
C ASP A 26 -0.48 13.80 -14.86
N LEU A 27 -1.55 13.06 -14.52
CA LEU A 27 -2.82 13.30 -15.18
C LEU A 27 -3.26 14.73 -14.90
N PRO A 28 -3.67 15.48 -15.92
CA PRO A 28 -4.13 16.85 -15.70
C PRO A 28 -5.52 16.88 -15.09
N ASP A 29 -5.85 18.02 -14.48
CA ASP A 29 -7.17 18.12 -13.87
C ASP A 29 -8.28 18.18 -14.91
N THR A 30 -7.92 18.23 -16.19
CA THR A 30 -8.88 18.17 -17.30
C THR A 30 -9.17 16.75 -17.75
N ASP A 31 -8.46 15.77 -17.22
CA ASP A 31 -8.67 14.39 -17.64
C ASP A 31 -10.10 13.99 -17.32
N PRO A 32 -10.83 13.40 -18.28
CA PRO A 32 -12.23 13.07 -18.03
C PRO A 32 -12.43 12.14 -16.84
N ARG A 33 -11.44 11.29 -16.56
CA ARG A 33 -11.56 10.31 -15.49
C ARG A 33 -11.37 10.92 -14.10
N VAL A 34 -10.84 12.13 -13.99
CA VAL A 34 -10.68 12.78 -12.69
C VAL A 34 -11.71 13.87 -12.46
N GLN A 35 -12.49 14.23 -13.49
CA GLN A 35 -13.50 15.25 -13.29
C GLN A 35 -14.66 14.68 -12.48
N ARG A 36 -15.36 15.58 -11.79
CA ARG A 36 -16.55 15.19 -11.05
C ARG A 36 -17.66 14.83 -12.03
N ARG A 37 -18.09 13.57 -12.03
CA ARG A 37 -19.11 13.10 -12.97
C ARG A 37 -20.43 12.80 -12.27
N VAL A 38 -20.62 13.31 -11.05
CA VAL A 38 -21.91 13.28 -10.36
C VAL A 38 -22.18 14.70 -9.87
N THR A 39 -23.43 14.94 -9.46
CA THR A 39 -23.84 16.25 -8.97
C THR A 39 -24.45 16.12 -7.57
N GLY A 40 -24.60 17.25 -6.91
CA GLY A 40 -25.26 17.27 -5.60
C GLY A 40 -24.54 16.39 -4.59
N TRP A 41 -25.32 15.57 -3.89
CA TRP A 41 -24.80 14.67 -2.87
C TRP A 41 -24.64 13.23 -3.35
N ALA A 42 -24.61 13.01 -4.66
CA ALA A 42 -24.48 11.65 -5.18
C ALA A 42 -23.09 11.10 -4.85
N PRO A 43 -22.98 9.79 -4.57
CA PRO A 43 -21.68 9.23 -4.18
C PRO A 43 -20.64 9.26 -5.29
N GLU A 44 -19.42 9.60 -4.91
CA GLU A 44 -18.25 9.49 -5.77
C GLU A 44 -17.14 8.79 -5.00
N GLN A 45 -16.11 8.36 -5.73
CA GLN A 45 -14.92 7.77 -5.10
C GLN A 45 -15.28 6.53 -4.26
N ILE A 46 -16.19 5.72 -4.79
CA ILE A 46 -16.66 4.53 -4.07
C ILE A 46 -15.56 3.49 -4.00
N ALA A 47 -15.33 2.94 -2.81
CA ALA A 47 -14.25 1.99 -2.59
C ALA A 47 -14.64 0.95 -1.55
N VAL A 48 -14.26 -0.30 -1.82
CA VAL A 48 -14.47 -1.43 -0.91
C VAL A 48 -13.16 -1.76 -0.23
N ALA A 49 -13.23 -2.11 1.05
CA ALA A 49 -12.09 -2.60 1.81
C ALA A 49 -12.51 -3.84 2.58
N LEU A 50 -11.54 -4.70 2.87
CA LEU A 50 -11.79 -5.86 3.71
C LEU A 50 -11.97 -5.46 5.17
N SER A 51 -12.72 -6.28 5.90
CA SER A 51 -12.69 -6.27 7.35
C SER A 51 -11.62 -7.26 7.81
N ALA A 52 -11.52 -7.52 9.11
CA ALA A 52 -10.50 -8.48 9.57
C ALA A 52 -10.84 -9.91 9.16
N ALA A 53 -12.12 -10.23 8.98
CA ALA A 53 -12.54 -11.55 8.55
C ALA A 53 -13.35 -11.46 7.27
N PRO A 54 -13.34 -12.52 6.45
CA PRO A 54 -14.08 -12.49 5.17
C PRO A 54 -15.56 -12.21 5.30
N THR A 55 -16.14 -12.41 6.48
CA THR A 55 -17.58 -12.30 6.68
C THR A 55 -18.05 -10.86 6.86
N SER A 56 -17.16 -9.89 6.68
CA SER A 56 -17.52 -8.48 6.79
CA SER A 56 -17.53 -8.48 6.78
C SER A 56 -16.64 -7.70 5.81
N ALA A 57 -17.12 -6.53 5.38
CA ALA A 57 -16.36 -5.69 4.46
C ALA A 57 -16.83 -4.26 4.64
N TRP A 58 -16.00 -3.32 4.18
CA TRP A 58 -16.28 -1.89 4.26
C TRP A 58 -16.62 -1.34 2.90
N VAL A 59 -17.63 -0.46 2.85
CA VAL A 59 -17.91 0.35 1.67
C VAL A 59 -17.78 1.81 2.07
N SER A 60 -17.04 2.58 1.27
CA SER A 60 -16.74 3.97 1.56
C SER A 60 -16.99 4.81 0.32
N TRP A 61 -17.32 6.08 0.53
CA TRP A 61 -17.56 6.96 -0.61
C TRP A 61 -17.56 8.39 -0.10
N ILE A 62 -17.58 9.34 -1.05
CA ILE A 62 -17.63 10.76 -0.73
C ILE A 62 -18.88 11.37 -1.36
N THR A 63 -19.49 12.32 -0.67
CA THR A 63 -20.65 13.05 -1.20
C THR A 63 -20.36 14.54 -1.09
N GLY A 64 -20.50 15.24 -2.22
CA GLY A 64 -20.24 16.66 -2.26
C GLY A 64 -18.86 16.96 -2.79
N ASP A 65 -18.76 18.07 -3.52
CA ASP A 65 -17.47 18.51 -4.02
C ASP A 65 -16.60 19.02 -2.87
N PHE A 66 -15.29 18.94 -3.06
CA PHE A 66 -14.37 19.57 -2.13
C PHE A 66 -14.36 21.09 -2.32
N GLN A 67 -13.68 21.77 -1.42
CA GLN A 67 -13.41 23.21 -1.54
C GLN A 67 -11.91 23.43 -1.51
N MET A 68 -11.41 24.23 -2.46
CA MET A 68 -9.99 24.52 -2.57
C MET A 68 -9.80 26.02 -2.73
N GLY A 69 -9.08 26.63 -1.79
CA GLY A 69 -8.85 28.05 -1.83
C GLY A 69 -10.02 28.84 -1.27
N GLY A 70 -9.77 30.13 -1.06
CA GLY A 70 -10.78 30.97 -0.45
C GLY A 70 -10.96 30.64 1.02
N ALA A 71 -12.11 31.06 1.54
CA ALA A 71 -12.46 30.81 2.94
C ALA A 71 -13.28 29.52 3.00
N VAL A 72 -12.57 28.40 3.07
CA VAL A 72 -13.26 27.12 3.03
C VAL A 72 -14.13 26.97 4.27
N LYS A 73 -15.27 26.32 4.09
CA LYS A 73 -16.23 26.10 5.17
C LYS A 73 -16.45 24.59 5.30
N PRO A 74 -15.80 23.93 6.25
CA PRO A 74 -15.98 22.49 6.39
C PRO A 74 -17.45 22.10 6.48
N LEU A 75 -17.79 21.03 5.79
CA LEU A 75 -19.17 20.55 5.76
C LEU A 75 -19.51 19.88 7.08
N ASP A 76 -20.80 19.87 7.39
CA ASP A 76 -21.33 19.18 8.56
C ASP A 76 -21.63 17.74 8.17
N PRO A 77 -20.82 16.77 8.61
CA PRO A 77 -21.01 15.40 8.12
C PRO A 77 -22.35 14.81 8.51
N GLY A 78 -22.98 15.31 9.56
CA GLY A 78 -24.28 14.81 9.98
C GLY A 78 -25.43 15.12 9.04
N THR A 79 -25.21 15.91 7.99
CA THR A 79 -26.30 16.32 7.11
C THR A 79 -26.54 15.35 5.96
N VAL A 80 -25.65 14.39 5.73
CA VAL A 80 -25.84 13.40 4.68
C VAL A 80 -25.63 12.02 5.30
N GLY A 81 -26.64 11.16 5.18
CA GLY A 81 -26.58 9.86 5.81
C GLY A 81 -25.62 8.91 5.13
N SER A 82 -25.38 7.79 5.80
CA SER A 82 -24.38 6.79 5.37
C SER A 82 -25.07 5.44 5.33
N VAL A 83 -25.66 5.09 4.19
CA VAL A 83 -26.48 3.89 4.05
C VAL A 83 -25.94 3.04 2.92
N VAL A 84 -25.85 1.72 3.15
CA VAL A 84 -25.60 0.77 2.08
C VAL A 84 -26.74 -0.23 2.07
N ARG A 85 -27.32 -0.44 0.90
CA ARG A 85 -28.26 -1.53 0.66
C ARG A 85 -27.54 -2.59 -0.15
N TYR A 86 -27.68 -3.85 0.26
CA TYR A 86 -26.91 -4.90 -0.38
C TYR A 86 -27.68 -6.20 -0.38
N GLY A 87 -27.20 -7.14 -1.18
CA GLY A 87 -27.86 -8.43 -1.29
C GLY A 87 -27.12 -9.33 -2.24
N LEU A 88 -27.65 -10.55 -2.38
CA LEU A 88 -27.05 -11.58 -3.22
C LEU A 88 -27.43 -11.45 -4.69
N ALA A 89 -28.40 -10.59 -5.01
CA ALA A 89 -28.80 -10.37 -6.40
C ALA A 89 -29.02 -8.88 -6.60
N ALA A 90 -28.74 -8.43 -7.83
CA ALA A 90 -28.78 -7.00 -8.11
C ALA A 90 -30.18 -6.41 -7.93
N ASP A 91 -31.22 -7.22 -8.13
CA ASP A 91 -32.59 -6.74 -8.02
C ASP A 91 -33.19 -7.01 -6.65
N SER A 92 -32.39 -7.38 -5.65
CA SER A 92 -32.89 -7.72 -4.33
C SER A 92 -31.90 -7.26 -3.26
N LEU A 93 -31.75 -5.93 -3.15
CA LEU A 93 -30.86 -5.34 -2.15
C LEU A 93 -31.65 -5.14 -0.85
N VAL A 94 -31.93 -6.27 -0.19
CA VAL A 94 -32.83 -6.28 0.96
C VAL A 94 -32.13 -6.12 2.30
N ARG A 95 -30.81 -6.17 2.33
CA ARG A 95 -30.07 -5.92 3.56
C ARG A 95 -29.64 -4.47 3.63
N GLU A 96 -29.50 -3.97 4.85
CA GLU A 96 -29.15 -2.57 5.02
C GLU A 96 -28.11 -2.44 6.12
N ALA A 97 -27.16 -1.54 5.90
CA ALA A 97 -26.20 -1.17 6.94
C ALA A 97 -26.06 0.35 6.96
N THR A 98 -25.79 0.89 8.13
CA THR A 98 -25.50 2.31 8.25
C THR A 98 -24.14 2.48 8.88
N GLY A 99 -23.54 3.65 8.64
CA GLY A 99 -22.20 3.91 9.12
C GLY A 99 -21.94 5.33 9.54
N ASP A 100 -20.68 5.74 9.48
CA ASP A 100 -20.25 7.03 9.99
C ASP A 100 -19.84 7.94 8.84
N ALA A 101 -19.87 9.23 9.12
CA ALA A 101 -19.46 10.25 8.17
C ALA A 101 -18.49 11.19 8.85
N LEU A 102 -17.58 11.76 8.06
CA LEU A 102 -16.62 12.72 8.59
C LEU A 102 -16.11 13.57 7.44
N VAL A 103 -15.44 14.66 7.79
CA VAL A 103 -14.70 15.48 6.84
C VAL A 103 -13.29 15.63 7.36
N TYR A 104 -12.40 16.09 6.48
CA TYR A 104 -11.10 16.54 6.93
C TYR A 104 -10.74 17.81 6.16
N SER A 105 -9.83 18.58 6.75
CA SER A 105 -9.35 19.80 6.13
C SER A 105 -7.83 19.74 6.03
N GLN A 106 -7.30 20.58 5.15
CA GLN A 106 -5.86 20.73 4.99
C GLN A 106 -5.59 22.22 5.08
N LEU A 107 -5.12 22.66 6.24
CA LEU A 107 -5.05 24.08 6.57
C LEU A 107 -3.60 24.49 6.78
N TYR A 108 -3.25 25.66 6.24
CA TYR A 108 -1.89 26.20 6.34
C TYR A 108 -2.01 27.64 6.80
N PRO A 109 -1.42 28.01 7.92
CA PRO A 109 -1.53 29.37 8.45
C PRO A 109 -0.41 30.29 7.97
N PHE A 110 -0.13 30.26 6.67
CA PHE A 110 0.90 31.08 6.07
C PHE A 110 0.31 31.89 4.93
N GLU A 111 0.65 33.17 4.89
CA GLU A 111 0.12 34.05 3.85
C GLU A 111 0.45 33.51 2.46
N GLY A 112 -0.55 33.47 1.59
CA GLY A 112 -0.36 33.01 0.24
C GLY A 112 -0.64 31.53 0.01
N LEU A 113 -0.72 30.74 1.08
CA LEU A 113 -1.09 29.35 0.95
C LEU A 113 -2.61 29.22 1.00
N GLN A 114 -3.12 28.23 0.27
CA GLN A 114 -4.55 28.03 0.12
C GLN A 114 -4.99 26.82 0.95
N ASN A 115 -6.19 26.93 1.50
CA ASN A 115 -6.77 25.89 2.33
C ASN A 115 -7.69 24.98 1.53
N TYR A 116 -7.96 23.80 2.09
CA TYR A 116 -8.78 22.77 1.46
C TYR A 116 -9.68 22.15 2.51
N THR A 117 -10.89 21.77 2.10
CA THR A 117 -11.69 20.90 2.94
C THR A 117 -12.46 19.95 2.03
N SER A 118 -12.70 18.74 2.53
CA SER A 118 -13.19 17.65 1.70
C SER A 118 -14.71 17.68 1.56
N GLY A 119 -15.21 16.85 0.65
CA GLY A 119 -16.60 16.45 0.71
C GLY A 119 -16.79 15.57 1.94
N ILE A 120 -18.04 15.16 2.16
CA ILE A 120 -18.33 14.29 3.30
C ILE A 120 -17.93 12.87 2.94
N ILE A 121 -17.07 12.28 3.76
CA ILE A 121 -16.59 10.92 3.57
C ILE A 121 -17.48 9.99 4.41
N HIS A 122 -17.84 8.85 3.83
CA HIS A 122 -18.70 7.87 4.51
C HIS A 122 -17.98 6.53 4.59
N HIS A 123 -18.15 5.82 5.71
CA HIS A 123 -17.60 4.47 5.89
C HIS A 123 -18.70 3.62 6.50
N VAL A 124 -19.04 2.52 5.83
CA VAL A 124 -20.11 1.63 6.30
C VAL A 124 -19.60 0.20 6.28
N ARG A 125 -19.74 -0.49 7.42
CA ARG A 125 -19.33 -1.88 7.51
C ARG A 125 -20.52 -2.79 7.25
N LEU A 126 -20.36 -3.70 6.28
CA LEU A 126 -21.36 -4.71 5.98
C LEU A 126 -21.05 -5.96 6.79
N GLN A 127 -22.01 -6.42 7.57
CA GLN A 127 -21.75 -7.60 8.39
CA GLN A 127 -21.84 -7.57 8.46
C GLN A 127 -22.59 -8.77 7.91
N GLY A 128 -22.22 -9.95 8.40
CA GLY A 128 -22.97 -11.15 8.05
C GLY A 128 -22.88 -11.54 6.59
N LEU A 129 -21.71 -11.41 5.99
CA LEU A 129 -21.53 -11.78 4.60
C LEU A 129 -21.02 -13.21 4.50
N GLU A 130 -21.48 -13.90 3.48
CA GLU A 130 -20.93 -15.21 3.15
CA GLU A 130 -20.92 -15.20 3.16
C GLU A 130 -19.54 -15.04 2.52
N PRO A 131 -18.57 -15.85 2.93
CA PRO A 131 -17.26 -15.81 2.27
C PRO A 131 -17.36 -16.28 0.83
N GLY A 132 -16.43 -15.78 0.01
CA GLY A 132 -16.30 -16.23 -1.37
C GLY A 132 -17.50 -15.94 -2.24
N THR A 133 -18.25 -14.88 -1.93
CA THR A 133 -19.57 -14.68 -2.51
C THR A 133 -19.70 -13.27 -3.07
N LYS A 134 -20.39 -13.15 -4.20
CA LYS A 134 -20.61 -11.85 -4.81
C LYS A 134 -21.79 -11.14 -4.15
N TYR A 135 -21.55 -9.89 -3.74
CA TYR A 135 -22.59 -9.05 -3.15
C TYR A 135 -22.79 -7.83 -4.03
N TYR A 136 -24.05 -7.52 -4.32
CA TYR A 136 -24.43 -6.29 -5.00
C TYR A 136 -24.80 -5.25 -3.96
N TYR A 137 -24.52 -3.98 -4.26
CA TYR A 137 -24.78 -2.95 -3.26
C TYR A 137 -25.01 -1.61 -3.93
N GLN A 138 -25.72 -0.75 -3.21
CA GLN A 138 -25.85 0.67 -3.52
C GLN A 138 -25.54 1.45 -2.25
N CYS A 139 -24.89 2.59 -2.40
CA CYS A 139 -24.55 3.41 -1.24
C CYS A 139 -25.09 4.82 -1.45
N GLY A 140 -25.24 5.53 -0.34
CA GLY A 140 -25.70 6.90 -0.38
C GLY A 140 -26.64 7.27 0.75
N ASP A 141 -27.53 8.21 0.48
CA ASP A 141 -28.54 8.67 1.43
C ASP A 141 -29.89 8.55 0.74
N PRO A 142 -30.69 7.53 1.06
CA PRO A 142 -31.96 7.32 0.34
C PRO A 142 -33.01 8.39 0.61
N SER A 143 -32.81 9.24 1.62
CA SER A 143 -33.78 10.30 1.88
C SER A 143 -33.53 11.54 1.03
N ILE A 144 -32.44 11.60 0.29
CA ILE A 144 -32.15 12.72 -0.61
C ILE A 144 -32.38 12.25 -2.04
N PRO A 145 -33.28 12.86 -2.79
CA PRO A 145 -33.52 12.40 -4.17
C PRO A 145 -32.25 12.44 -5.01
N GLY A 146 -31.99 11.35 -5.72
CA GLY A 146 -30.82 11.23 -6.58
C GLY A 146 -29.51 10.98 -5.89
N ALA A 147 -29.52 10.69 -4.58
CA ALA A 147 -28.29 10.58 -3.79
C ALA A 147 -27.91 9.14 -3.48
N MET A 148 -28.40 8.17 -4.25
CA MET A 148 -27.96 6.79 -4.16
C MET A 148 -27.10 6.46 -5.39
N SER A 149 -26.05 5.67 -5.18
CA SER A 149 -25.17 5.28 -6.27
C SER A 149 -25.89 4.31 -7.20
N ALA A 150 -25.29 4.08 -8.37
CA ALA A 150 -25.68 2.92 -9.15
C ALA A 150 -25.36 1.65 -8.39
N VAL A 151 -25.91 0.53 -8.86
CA VAL A 151 -25.59 -0.76 -8.26
C VAL A 151 -24.18 -1.18 -8.66
N HIS A 152 -23.38 -1.56 -7.67
CA HIS A 152 -22.04 -2.09 -7.83
C HIS A 152 -22.01 -3.50 -7.24
N ALA A 153 -20.87 -4.18 -7.41
CA ALA A 153 -20.74 -5.51 -6.84
C ALA A 153 -19.28 -5.79 -6.54
N PHE A 154 -19.05 -6.60 -5.51
CA PHE A 154 -17.72 -7.10 -5.17
C PHE A 154 -17.88 -8.51 -4.61
N ARG A 155 -16.76 -9.23 -4.56
CA ARG A 155 -16.74 -10.60 -4.04
C ARG A 155 -15.97 -10.64 -2.73
N THR A 156 -16.57 -11.25 -1.71
CA THR A 156 -15.87 -11.41 -0.43
C THR A 156 -14.71 -12.39 -0.58
N MET A 157 -13.74 -12.26 0.33
CA MET A 157 -12.63 -13.22 0.36
C MET A 157 -13.14 -14.62 0.67
N PRO A 158 -12.44 -15.66 0.20
CA PRO A 158 -12.84 -17.03 0.53
C PRO A 158 -12.70 -17.30 2.03
N ALA A 159 -13.38 -18.36 2.47
CA ALA A 159 -13.37 -18.73 3.87
C ALA A 159 -11.96 -19.02 4.37
N VAL A 160 -11.72 -18.77 5.65
CA VAL A 160 -10.39 -18.98 6.22
C VAL A 160 -10.15 -20.47 6.43
N GLY A 161 -9.13 -21.00 5.75
CA GLY A 161 -8.75 -22.40 5.88
C GLY A 161 -7.54 -22.70 5.03
N PRO A 162 -6.91 -23.86 5.28
CA PRO A 162 -5.59 -24.13 4.68
C PRO A 162 -5.64 -24.51 3.20
N ARG A 163 -6.83 -24.71 2.63
CA ARG A 163 -6.98 -25.01 1.21
C ARG A 163 -7.77 -23.94 0.48
N SER A 164 -7.99 -22.80 1.11
CA SER A 164 -8.92 -21.79 0.63
C SER A 164 -8.19 -20.46 0.46
N TYR A 165 -7.98 -20.03 -0.77
CA TYR A 165 -7.20 -18.82 -1.03
C TYR A 165 -7.85 -17.96 -2.09
N PRO A 166 -7.67 -16.64 -2.00
CA PRO A 166 -8.03 -15.77 -3.14
C PRO A 166 -7.22 -16.18 -4.35
N GLY A 167 -7.86 -16.14 -5.52
CA GLY A 167 -7.16 -16.56 -6.72
C GLY A 167 -5.93 -15.71 -7.01
N ARG A 168 -6.11 -14.40 -7.03
CA ARG A 168 -5.06 -13.45 -7.41
CA ARG A 168 -5.06 -13.47 -7.40
C ARG A 168 -5.09 -12.26 -6.47
N ILE A 169 -3.95 -11.93 -5.91
CA ILE A 169 -3.78 -10.76 -5.05
C ILE A 169 -2.80 -9.82 -5.75
N ALA A 170 -3.28 -8.63 -6.13
CA ALA A 170 -2.41 -7.66 -6.76
C ALA A 170 -1.68 -6.86 -5.68
N VAL A 171 -0.43 -6.54 -5.94
CA VAL A 171 0.41 -5.81 -4.99
C VAL A 171 1.10 -4.70 -5.75
N VAL A 172 0.89 -3.46 -5.31
CA VAL A 172 1.44 -2.26 -5.93
C VAL A 172 1.84 -1.30 -4.83
N GLY A 173 2.72 -0.36 -5.17
CA GLY A 173 3.09 0.71 -4.26
C GLY A 173 3.44 1.95 -5.05
N ASP A 174 3.27 3.12 -4.43
CA ASP A 174 3.79 4.36 -5.00
C ASP A 174 3.16 4.65 -6.36
N LEU A 175 1.84 4.46 -6.44
CA LEU A 175 1.11 4.65 -7.70
C LEU A 175 1.19 6.10 -8.19
N GLY A 176 0.86 7.05 -7.31
CA GLY A 176 0.70 8.41 -7.81
C GLY A 176 -0.47 8.46 -8.80
N LEU A 177 -0.42 9.46 -9.67
CA LEU A 177 -1.50 9.61 -10.65
C LEU A 177 -0.91 10.20 -11.94
N THR A 178 -0.15 9.39 -12.65
CA THR A 178 0.43 9.76 -13.94
C THR A 178 -0.16 8.88 -15.03
N TYR A 179 0.18 9.19 -16.28
CA TYR A 179 -0.17 8.27 -17.36
C TYR A 179 0.47 6.90 -17.15
N ASN A 180 1.66 6.85 -16.57
CA ASN A 180 2.25 5.55 -16.28
C ASN A 180 1.45 4.81 -15.21
N THR A 181 0.90 5.55 -14.23
CA THR A 181 -0.01 4.92 -13.28
C THR A 181 -1.16 4.25 -13.99
N THR A 182 -1.74 4.91 -15.00
CA THR A 182 -2.87 4.29 -15.67
C THR A 182 -2.45 3.00 -16.38
N SER A 183 -1.20 2.93 -16.83
CA SER A 183 -0.69 1.68 -17.40
C SER A 183 -0.62 0.60 -16.33
N THR A 184 -0.07 0.92 -15.17
CA THR A 184 0.01 -0.04 -14.09
C THR A 184 -1.37 -0.57 -13.73
N VAL A 185 -2.33 0.34 -13.56
CA VAL A 185 -3.67 -0.03 -13.13
C VAL A 185 -4.40 -0.83 -14.21
N GLU A 186 -4.24 -0.43 -15.48
CA GLU A 186 -4.86 -1.20 -16.55
C GLU A 186 -4.31 -2.63 -16.60
N HIS A 187 -2.98 -2.77 -16.52
CA HIS A 187 -2.41 -4.11 -16.46
C HIS A 187 -2.93 -4.87 -15.26
N MET A 188 -2.98 -4.23 -14.10
CA MET A 188 -3.44 -4.89 -12.88
C MET A 188 -4.89 -5.35 -13.03
N ALA A 189 -5.76 -4.48 -13.54
CA ALA A 189 -7.17 -4.84 -13.66
C ALA A 189 -7.38 -5.93 -14.67
N SER A 190 -6.58 -5.95 -15.75
CA SER A 190 -6.67 -7.02 -16.73
C SER A 190 -6.30 -8.36 -16.13
N ASN A 191 -5.52 -8.38 -15.05
CA ASN A 191 -5.24 -9.61 -14.34
C ASN A 191 -6.38 -10.00 -13.40
N GLN A 192 -7.43 -9.18 -13.32
CA GLN A 192 -8.64 -9.51 -12.57
C GLN A 192 -8.36 -9.96 -11.15
N PRO A 193 -7.64 -9.16 -10.36
CA PRO A 193 -7.32 -9.56 -8.99
C PRO A 193 -8.57 -9.59 -8.12
N ASP A 194 -8.54 -10.47 -7.12
CA ASP A 194 -9.58 -10.53 -6.11
C ASP A 194 -9.37 -9.52 -5.01
N LEU A 195 -8.16 -8.96 -4.91
CA LEU A 195 -7.73 -8.14 -3.79
C LEU A 195 -6.55 -7.30 -4.26
N VAL A 196 -6.50 -6.03 -3.83
CA VAL A 196 -5.40 -5.14 -4.16
C VAL A 196 -4.77 -4.67 -2.84
N LEU A 197 -3.46 -4.82 -2.73
CA LEU A 197 -2.68 -4.26 -1.62
C LEU A 197 -1.91 -3.06 -2.17
N LEU A 198 -2.09 -1.91 -1.53
CA LEU A 198 -1.43 -0.67 -1.93
C LEU A 198 -0.47 -0.26 -0.82
N LEU A 199 0.83 -0.41 -1.06
CA LEU A 199 1.83 -0.32 0.01
C LEU A 199 2.38 1.09 0.21
N GLY A 200 1.49 2.08 0.28
CA GLY A 200 1.89 3.44 0.63
C GLY A 200 2.21 4.29 -0.59
N ASP A 201 2.23 5.60 -0.34
CA ASP A 201 2.51 6.62 -1.35
C ASP A 201 1.44 6.60 -2.44
N VAL A 202 0.28 7.15 -2.11
CA VAL A 202 -0.93 6.92 -2.89
C VAL A 202 -1.09 7.94 -4.01
N SER A 203 -1.33 9.20 -3.66
CA SER A 203 -1.68 10.21 -4.66
C SER A 203 -0.54 11.16 -5.00
N TYR A 204 0.47 11.27 -4.15
CA TYR A 204 1.55 12.25 -4.31
C TYR A 204 1.01 13.68 -4.40
N ALA A 205 -0.05 13.96 -3.63
CA ALA A 205 -0.53 15.34 -3.51
C ALA A 205 0.55 16.28 -2.98
N ASN A 206 1.51 15.74 -2.23
CA ASN A 206 2.56 16.56 -1.65
C ASN A 206 3.72 16.81 -2.62
N LEU A 207 3.53 16.53 -3.91
CA LEU A 207 4.43 17.04 -4.95
C LEU A 207 3.94 18.36 -5.51
N TYR A 208 2.92 18.95 -4.90
CA TYR A 208 2.28 20.16 -5.41
C TYR A 208 2.22 21.21 -4.31
N LEU A 209 2.38 22.47 -4.73
CA LEU A 209 2.05 23.59 -3.86
C LEU A 209 0.53 23.73 -3.76
N THR A 210 0.08 24.46 -2.74
CA THR A 210 -1.36 24.61 -2.54
C THR A 210 -2.01 25.36 -3.71
N ASN A 211 -1.24 26.08 -4.51
CA ASN A 211 -1.81 26.76 -5.66
C ASN A 211 -1.81 25.88 -6.91
N GLY A 212 -1.48 24.60 -6.79
CA GLY A 212 -1.62 23.65 -7.88
C GLY A 212 -0.36 23.42 -8.70
N THR A 213 0.71 24.17 -8.48
CA THR A 213 1.94 23.93 -9.22
C THR A 213 2.66 22.71 -8.68
N GLY A 214 3.08 21.81 -9.58
CA GLY A 214 3.70 20.56 -9.20
C GLY A 214 5.17 20.48 -9.56
N THR A 215 5.78 19.39 -9.12
CA THR A 215 7.19 19.13 -9.38
C THR A 215 7.45 17.64 -9.29
N ASP A 216 8.51 17.19 -9.97
CA ASP A 216 8.96 15.81 -9.84
C ASP A 216 9.68 15.56 -8.53
N CYS A 217 10.11 16.61 -7.84
CA CYS A 217 10.91 16.44 -6.63
C CYS A 217 10.70 17.68 -5.76
N TYR A 218 9.93 17.54 -4.68
CA TYR A 218 9.62 18.70 -3.84
C TYR A 218 10.90 19.26 -3.21
N SER A 219 11.71 18.40 -2.60
CA SER A 219 12.94 18.87 -1.97
C SER A 219 13.82 19.62 -2.95
N CYS A 220 13.88 19.15 -4.19
CA CYS A 220 14.71 19.83 -5.20
C CYS A 220 14.20 21.23 -5.48
N SER A 221 12.87 21.37 -5.66
CA SER A 221 12.30 22.64 -6.11
C SER A 221 11.85 23.53 -4.96
N PHE A 222 11.02 23.00 -4.07
CA PHE A 222 10.27 23.82 -3.13
C PHE A 222 10.77 23.74 -1.69
N ALA A 223 11.63 22.76 -1.37
CA ALA A 223 12.08 22.59 0.00
C ALA A 223 12.62 23.90 0.57
N LYS A 224 13.39 24.63 -0.22
CA LYS A 224 14.06 25.83 0.27
C LYS A 224 13.16 27.07 0.28
N SER A 225 12.11 27.10 -0.55
CA SER A 225 11.36 28.32 -0.78
C SER A 225 9.92 28.27 -0.27
N THR A 226 9.58 27.28 0.55
CA THR A 226 8.23 27.22 1.11
C THR A 226 8.30 27.05 2.61
N PRO A 227 7.28 27.54 3.33
CA PRO A 227 7.32 27.49 4.80
C PRO A 227 6.98 26.14 5.38
N ILE A 228 6.53 25.20 4.55
CA ILE A 228 6.14 23.86 4.99
C ILE A 228 6.13 22.99 3.74
N HIS A 229 6.08 21.68 3.91
CA HIS A 229 5.95 20.77 2.78
C HIS A 229 4.48 20.74 2.38
N GLU A 230 4.14 21.51 1.36
CA GLU A 230 2.76 21.77 0.97
C GLU A 230 2.15 20.56 0.27
N THR A 231 0.83 20.62 0.07
CA THR A 231 0.10 19.63 -0.74
C THR A 231 -0.95 20.35 -1.58
N TYR A 232 -1.40 19.68 -2.62
CA TYR A 232 -2.58 20.07 -3.38
C TYR A 232 -3.57 18.91 -3.21
N GLN A 233 -4.44 19.05 -2.19
CA GLN A 233 -5.29 17.93 -1.80
C GLN A 233 -6.22 17.44 -2.90
N PRO A 234 -6.68 18.26 -3.85
CA PRO A 234 -7.52 17.72 -4.93
C PRO A 234 -6.90 16.53 -5.67
N ARG A 235 -5.57 16.40 -5.68
CA ARG A 235 -4.98 15.21 -6.30
C ARG A 235 -5.53 13.94 -5.67
N TRP A 236 -5.86 13.97 -4.37
CA TRP A 236 -6.48 12.79 -3.74
C TRP A 236 -7.84 12.51 -4.35
N ASP A 237 -8.64 13.55 -4.57
CA ASP A 237 -9.96 13.36 -5.15
C ASP A 237 -9.85 12.89 -6.59
N TYR A 238 -8.91 13.45 -7.34
CA TYR A 238 -8.66 12.97 -8.70
C TYR A 238 -8.27 11.50 -8.67
N TRP A 239 -7.41 11.12 -7.74
CA TRP A 239 -7.00 9.72 -7.61
C TRP A 239 -8.20 8.83 -7.29
N GLY A 240 -9.02 9.24 -6.31
CA GLY A 240 -10.17 8.43 -5.93
C GLY A 240 -11.18 8.28 -7.05
N ARG A 241 -11.38 9.35 -7.82
CA ARG A 241 -12.29 9.27 -8.96
C ARG A 241 -11.73 8.38 -10.06
N TYR A 242 -10.44 8.53 -10.36
CA TYR A 242 -9.81 7.69 -11.38
C TYR A 242 -9.89 6.21 -10.99
N MET A 243 -9.67 5.91 -9.72
CA MET A 243 -9.59 4.52 -9.26
C MET A 243 -10.95 3.87 -9.04
N GLU A 244 -12.04 4.63 -9.07
CA GLU A 244 -13.34 4.06 -8.71
C GLU A 244 -13.72 2.81 -9.48
N PRO A 245 -13.46 2.69 -10.79
CA PRO A 245 -13.80 1.43 -11.48
C PRO A 245 -13.15 0.23 -10.84
N VAL A 246 -11.96 0.40 -10.26
CA VAL A 246 -11.30 -0.68 -9.54
C VAL A 246 -11.86 -0.82 -8.13
N THR A 247 -11.83 0.28 -7.37
CA THR A 247 -12.12 0.18 -5.94
C THR A 247 -13.57 -0.16 -5.65
N SER A 248 -14.50 0.22 -6.53
CA SER A 248 -15.90 -0.10 -6.29
C SER A 248 -16.22 -1.56 -6.52
N SER A 249 -15.33 -2.29 -7.18
CA SER A 249 -15.55 -3.69 -7.52
CA SER A 249 -15.58 -3.70 -7.48
C SER A 249 -14.54 -4.65 -6.90
N THR A 250 -13.44 -4.13 -6.36
CA THR A 250 -12.33 -4.94 -5.89
C THR A 250 -11.84 -4.39 -4.55
N PRO A 251 -11.85 -5.19 -3.49
CA PRO A 251 -11.35 -4.69 -2.21
C PRO A 251 -9.90 -4.25 -2.32
N MET A 252 -9.59 -3.13 -1.67
CA MET A 252 -8.26 -2.53 -1.70
C MET A 252 -7.84 -2.19 -0.28
N MET A 253 -6.70 -2.71 0.15
CA MET A 253 -6.14 -2.46 1.47
C MET A 253 -4.94 -1.55 1.32
N VAL A 254 -4.97 -0.39 1.97
CA VAL A 254 -3.92 0.61 1.89
C VAL A 254 -3.19 0.66 3.21
N VAL A 255 -1.88 0.87 3.15
CA VAL A 255 -1.08 1.19 4.33
C VAL A 255 -0.26 2.42 4.00
N GLU A 256 0.10 3.20 5.03
CA GLU A 256 0.66 4.53 4.78
C GLU A 256 2.12 4.47 4.38
N GLY A 257 2.50 5.43 3.52
CA GLY A 257 3.88 5.70 3.19
C GLY A 257 4.26 7.12 3.63
N ASN A 258 5.49 7.49 3.30
CA ASN A 258 5.97 8.80 3.76
C ASN A 258 5.25 9.95 3.06
N HIS A 259 4.73 9.72 1.85
CA HIS A 259 4.02 10.80 1.17
C HIS A 259 2.64 11.05 1.75
N GLU A 260 2.18 10.23 2.68
CA GLU A 260 0.93 10.50 3.37
C GLU A 260 1.10 11.36 4.62
N ILE A 261 2.33 11.71 4.99
CA ILE A 261 2.54 12.51 6.22
C ILE A 261 1.80 13.85 6.11
N GLU A 262 2.06 14.61 5.06
CA GLU A 262 1.28 15.80 4.72
C GLU A 262 1.04 16.70 5.93
N GLN A 263 2.15 17.09 6.56
CA GLN A 263 2.08 17.90 7.77
C GLN A 263 1.34 19.21 7.52
N GLN A 264 0.47 19.60 8.44
CA GLN A 264 -0.31 20.83 8.29
C GLN A 264 -0.41 21.53 9.63
N ILE A 265 -1.41 22.40 9.77
CA ILE A 265 -1.53 23.24 10.97
C ILE A 265 -1.51 22.39 12.23
N GLY A 266 -0.87 22.93 13.27
CA GLY A 266 -0.79 22.23 14.53
C GLY A 266 -0.01 20.95 14.48
N ASN A 267 0.83 20.77 13.46
CA ASN A 267 1.63 19.57 13.28
CA ASN A 267 1.62 19.56 13.32
C ASN A 267 0.76 18.33 13.07
N LYS A 268 -0.46 18.53 12.60
CA LYS A 268 -1.34 17.42 12.25
C LYS A 268 -0.78 16.70 11.03
N THR A 269 -0.83 15.37 11.05
CA THR A 269 -0.30 14.56 9.96
C THR A 269 -1.31 13.49 9.57
N PHE A 270 -1.15 12.96 8.35
CA PHE A 270 -1.90 11.82 7.84
C PHE A 270 -3.41 12.04 7.79
N ALA A 271 -3.84 13.30 7.69
CA ALA A 271 -5.28 13.59 7.71
C ALA A 271 -6.01 12.93 6.55
N ALA A 272 -5.51 13.13 5.32
CA ALA A 272 -6.20 12.59 4.15
C ALA A 272 -6.21 11.06 4.18
N TYR A 273 -5.05 10.46 4.43
CA TYR A 273 -4.95 9.01 4.50
C TYR A 273 -5.90 8.43 5.54
N SER A 274 -5.89 9.01 6.75
CA SER A 274 -6.67 8.44 7.86
C SER A 274 -8.17 8.58 7.64
N ALA A 275 -8.59 9.63 6.94
CA ALA A 275 -10.01 9.86 6.71
C ALA A 275 -10.55 9.12 5.50
N ARG A 276 -9.75 9.01 4.43
CA ARG A 276 -10.33 8.58 3.15
C ARG A 276 -10.57 7.08 3.08
N PHE A 277 -9.69 6.27 3.66
CA PHE A 277 -9.80 4.83 3.50
C PHE A 277 -10.43 4.20 4.73
N ALA A 278 -11.03 3.03 4.52
CA ALA A 278 -11.46 2.18 5.62
C ALA A 278 -10.36 1.17 5.94
N PHE A 279 -10.14 0.93 7.23
CA PHE A 279 -9.17 -0.04 7.70
C PHE A 279 -9.83 -0.90 8.76
N PRO A 280 -9.46 -2.17 8.88
CA PRO A 280 -10.02 -3.04 9.93
C PRO A 280 -9.33 -2.82 11.29
N SER A 281 -9.19 -1.54 11.67
CA SER A 281 -8.51 -1.18 12.91
C SER A 281 -9.21 -1.70 14.14
N MET A 282 -10.53 -1.57 14.20
CA MET A 282 -11.28 -2.07 15.35
C MET A 282 -11.28 -3.60 15.38
N GLU A 283 -11.56 -4.22 14.23
CA GLU A 283 -11.74 -5.67 14.18
C GLU A 283 -10.43 -6.41 14.48
N SER A 284 -9.30 -5.88 14.03
CA SER A 284 -8.00 -6.48 14.31
C SER A 284 -7.35 -5.92 15.56
N GLU A 285 -8.04 -5.03 16.27
CA GLU A 285 -7.64 -4.51 17.58
C GLU A 285 -6.33 -3.73 17.54
N SER A 286 -5.95 -3.22 16.36
CA SER A 286 -4.84 -2.26 16.29
C SER A 286 -5.30 -0.87 16.75
N PHE A 287 -6.57 -0.55 16.54
CA PHE A 287 -7.11 0.77 16.86
C PHE A 287 -6.23 1.88 16.29
N SER A 288 -5.65 1.62 15.11
CA SER A 288 -4.80 2.57 14.40
C SER A 288 -5.07 2.44 12.91
N PRO A 289 -5.12 3.55 12.17
CA PRO A 289 -5.17 3.44 10.71
C PRO A 289 -3.84 3.05 10.09
N PHE A 290 -2.75 3.08 10.87
CA PHE A 290 -1.40 2.96 10.33
C PHE A 290 -0.91 1.52 10.24
N TYR A 291 -1.52 0.62 10.98
CA TYR A 291 -1.18 -0.80 10.97
C TYR A 291 -2.41 -1.57 11.42
N TYR A 292 -2.51 -2.82 10.98
CA TYR A 292 -3.70 -3.64 11.20
C TYR A 292 -3.44 -5.01 10.61
N SER A 293 -4.37 -5.94 10.82
CA SER A 293 -4.27 -7.26 10.21
C SER A 293 -5.63 -7.71 9.70
N PHE A 294 -5.62 -8.76 8.87
CA PHE A 294 -6.84 -9.30 8.32
C PHE A 294 -6.53 -10.67 7.71
N ASP A 295 -7.55 -11.51 7.57
CA ASP A 295 -7.42 -12.81 6.93
C ASP A 295 -8.10 -12.78 5.57
N ALA A 296 -7.43 -13.34 4.57
CA ALA A 296 -8.01 -13.53 3.24
C ALA A 296 -7.81 -14.99 2.90
N GLY A 297 -8.88 -15.78 3.00
CA GLY A 297 -8.67 -17.23 2.97
C GLY A 297 -7.67 -17.61 4.03
N GLY A 298 -6.84 -18.61 3.72
CA GLY A 298 -5.85 -19.07 4.67
C GLY A 298 -4.58 -18.24 4.74
N ILE A 299 -4.67 -16.94 4.43
CA ILE A 299 -3.53 -16.04 4.56
C ILE A 299 -3.83 -15.06 5.67
N HIS A 300 -2.95 -14.99 6.67
CA HIS A 300 -3.00 -13.92 7.66
C HIS A 300 -2.08 -12.78 7.18
N PHE A 301 -2.67 -11.64 6.84
CA PHE A 301 -1.94 -10.45 6.42
C PHE A 301 -1.72 -9.50 7.57
N ILE A 302 -0.51 -8.98 7.68
CA ILE A 302 -0.19 -7.93 8.64
C ILE A 302 0.32 -6.72 7.87
N MET A 303 -0.37 -5.60 8.02
CA MET A 303 0.08 -4.32 7.46
CA MET A 303 0.08 -4.32 7.46
C MET A 303 0.75 -3.53 8.57
N LEU A 304 2.02 -3.23 8.41
CA LEU A 304 2.79 -2.55 9.45
C LEU A 304 3.09 -1.12 9.04
N ALA A 305 3.41 -0.32 10.06
CA ALA A 305 3.61 1.12 9.92
C ALA A 305 5.09 1.43 10.02
N ALA A 306 5.70 1.76 8.88
CA ALA A 306 7.05 2.32 8.88
C ALA A 306 7.08 3.74 9.41
N TYR A 307 5.93 4.39 9.59
CA TYR A 307 5.85 5.79 9.99
C TYR A 307 4.99 5.99 11.23
N ALA A 308 4.83 4.93 12.03
CA ALA A 308 4.39 5.01 13.42
C ALA A 308 5.40 4.25 14.26
N ASP A 309 5.55 4.67 15.52
CA ASP A 309 6.51 4.07 16.45
C ASP A 309 6.54 2.55 16.33
N TYR A 310 7.69 2.00 15.92
CA TYR A 310 7.85 0.55 15.74
C TYR A 310 8.84 -0.05 16.73
N SER A 311 9.30 0.73 17.72
CA SER A 311 10.25 0.24 18.69
C SER A 311 9.62 -0.82 19.60
N LYS A 312 10.48 -1.64 20.20
CA LYS A 312 10.02 -2.77 21.00
C LYS A 312 9.20 -2.34 22.21
N SER A 313 9.32 -1.09 22.64
CA SER A 313 8.56 -0.59 23.77
C SER A 313 7.22 0.04 23.39
N GLY A 314 6.93 0.17 22.09
CA GLY A 314 5.79 0.95 21.66
C GLY A 314 4.51 0.14 21.48
N GLU A 315 3.44 0.87 21.18
CA GLU A 315 2.12 0.23 21.05
C GLU A 315 2.07 -0.71 19.86
N GLN A 316 2.65 -0.30 18.72
CA GLN A 316 2.59 -1.14 17.52
C GLN A 316 3.25 -2.49 17.76
N TYR A 317 4.43 -2.47 18.40
CA TYR A 317 5.15 -3.71 18.65
C TYR A 317 4.36 -4.62 19.58
N ARG A 318 3.80 -4.07 20.66
CA ARG A 318 2.97 -4.88 21.55
C ARG A 318 1.78 -5.46 20.81
N TRP A 319 1.14 -4.65 19.96
CA TRP A 319 0.02 -5.17 19.18
C TRP A 319 0.47 -6.31 18.27
N LEU A 320 1.63 -6.11 17.62
CA LEU A 320 2.14 -7.14 16.72
C LEU A 320 2.41 -8.44 17.47
N GLU A 321 2.99 -8.36 18.68
CA GLU A 321 3.20 -9.56 19.48
C GLU A 321 1.89 -10.29 19.72
N LYS A 322 0.85 -9.55 20.10
CA LYS A 322 -0.43 -10.19 20.39
C LYS A 322 -1.07 -10.73 19.12
N ASP A 323 -0.92 -10.01 18.00
CA ASP A 323 -1.48 -10.47 16.74
C ASP A 323 -0.82 -11.78 16.31
N LEU A 324 0.51 -11.84 16.37
CA LEU A 324 1.20 -13.06 15.96
C LEU A 324 0.85 -14.24 16.86
N ALA A 325 0.75 -14.01 18.16
CA ALA A 325 0.44 -15.09 19.09
C ALA A 325 -0.94 -15.69 18.82
N LYS A 326 -1.86 -14.93 18.22
CA LYS A 326 -3.17 -15.48 17.91
C LYS A 326 -3.20 -16.25 16.59
N VAL A 327 -2.15 -16.20 15.78
CA VAL A 327 -2.20 -16.88 14.49
C VAL A 327 -2.12 -18.39 14.69
N ASP A 328 -3.05 -19.12 14.07
CA ASP A 328 -3.04 -20.58 14.09
C ASP A 328 -2.67 -21.05 12.68
N ARG A 329 -1.44 -21.56 12.52
CA ARG A 329 -0.95 -21.87 11.17
C ARG A 329 -1.65 -23.07 10.56
N SER A 330 -2.44 -23.83 11.33
CA SER A 330 -3.24 -24.86 10.69
C SER A 330 -4.53 -24.31 10.10
N VAL A 331 -4.89 -23.08 10.44
CA VAL A 331 -6.06 -22.39 9.90
C VAL A 331 -5.66 -21.39 8.82
N THR A 332 -4.66 -20.55 9.12
CA THR A 332 -4.05 -19.65 8.13
C THR A 332 -2.59 -20.07 7.99
N PRO A 333 -2.26 -20.96 7.05
CA PRO A 333 -0.86 -21.40 6.92
C PRO A 333 0.07 -20.31 6.46
N TRP A 334 -0.42 -19.30 5.73
CA TRP A 334 0.43 -18.27 5.18
C TRP A 334 0.41 -17.04 6.07
N LEU A 335 1.60 -16.49 6.33
CA LEU A 335 1.77 -15.28 7.13
C LEU A 335 2.52 -14.30 6.23
N VAL A 336 1.86 -13.21 5.83
CA VAL A 336 2.40 -12.28 4.86
C VAL A 336 2.27 -10.89 5.43
N ALA A 337 3.32 -10.09 5.26
CA ALA A 337 3.31 -8.72 5.77
C ALA A 337 3.51 -7.72 4.64
N GLY A 338 2.95 -6.54 4.84
CA GLY A 338 3.23 -5.41 3.99
C GLY A 338 3.51 -4.17 4.81
N TRP A 339 4.43 -3.35 4.33
CA TRP A 339 4.69 -2.03 4.89
C TRP A 339 5.40 -1.22 3.82
N HIS A 340 5.63 0.07 4.10
CA HIS A 340 6.04 0.91 2.99
C HIS A 340 7.53 0.74 2.65
N ALA A 341 8.40 0.76 3.65
CA ALA A 341 9.85 0.92 3.43
C ALA A 341 10.57 -0.43 3.41
N PRO A 342 11.27 -0.78 2.33
CA PRO A 342 11.95 -2.08 2.29
C PRO A 342 13.10 -2.18 3.28
N TRP A 343 13.33 -3.40 3.75
CA TRP A 343 14.45 -3.69 4.63
C TRP A 343 15.68 -4.17 3.89
N TYR A 344 15.54 -4.71 2.66
CA TYR A 344 16.65 -5.33 1.97
C TYR A 344 16.80 -4.82 0.53
N SER A 345 16.33 -3.60 0.26
CA SER A 345 16.56 -3.00 -1.04
CA SER A 345 16.55 -3.02 -1.05
C SER A 345 18.04 -2.73 -1.25
N THR A 346 18.51 -2.92 -2.48
CA THR A 346 19.92 -2.68 -2.77
C THR A 346 20.14 -1.47 -3.67
N TYR A 347 19.07 -0.75 -4.03
CA TYR A 347 19.21 0.52 -4.71
C TYR A 347 19.82 1.57 -3.80
N LYS A 348 20.48 2.56 -4.40
CA LYS A 348 21.00 3.68 -3.61
C LYS A 348 19.86 4.44 -2.94
N ALA A 349 18.77 4.68 -3.66
CA ALA A 349 17.64 5.41 -3.10
C ALA A 349 17.09 4.67 -1.87
N HIS A 350 17.10 5.36 -0.73
CA HIS A 350 16.56 4.83 0.53
C HIS A 350 17.33 3.62 1.03
N TYR A 351 18.57 3.46 0.59
CA TYR A 351 19.40 2.36 1.06
C TYR A 351 19.48 2.35 2.58
N ARG A 352 19.09 1.24 3.18
CA ARG A 352 19.13 1.01 4.64
C ARG A 352 18.37 2.08 5.42
N GLU A 353 17.44 2.76 4.77
CA GLU A 353 16.75 3.86 5.41
CA GLU A 353 16.73 3.87 5.40
C GLU A 353 15.88 3.41 6.58
N ALA A 354 15.31 2.20 6.49
CA ALA A 354 14.43 1.66 7.51
C ALA A 354 15.14 0.68 8.43
N GLU A 355 16.47 0.79 8.55
CA GLU A 355 17.21 -0.18 9.34
C GLU A 355 16.69 -0.26 10.78
N CYS A 356 16.28 0.86 11.37
CA CYS A 356 15.83 0.80 12.75
C CYS A 356 14.55 -0.01 12.90
N MET A 357 13.69 0.02 11.89
CA MET A 357 12.49 -0.82 11.91
C MET A 357 12.86 -2.29 11.78
N ARG A 358 13.79 -2.62 10.90
CA ARG A 358 14.26 -4.00 10.79
C ARG A 358 14.82 -4.49 12.13
N VAL A 359 15.71 -3.70 12.73
CA VAL A 359 16.33 -4.12 13.98
C VAL A 359 15.27 -4.32 15.06
N ALA A 360 14.23 -3.47 15.06
CA ALA A 360 13.19 -3.60 16.07
C ALA A 360 12.36 -4.87 15.88
N MET A 361 11.94 -5.16 14.64
CA MET A 361 10.87 -6.12 14.40
C MET A 361 11.29 -7.41 13.70
N GLU A 362 12.49 -7.48 13.13
CA GLU A 362 12.78 -8.62 12.27
C GLU A 362 12.82 -9.94 13.04
N GLU A 363 13.46 -9.95 14.22
CA GLU A 363 13.56 -11.20 14.97
CA GLU A 363 13.55 -11.20 14.98
C GLU A 363 12.19 -11.71 15.39
N LEU A 364 11.30 -10.81 15.83
CA LEU A 364 9.96 -11.23 16.21
C LEU A 364 9.24 -11.90 15.04
N LEU A 365 9.30 -11.28 13.86
CA LEU A 365 8.63 -11.84 12.70
C LEU A 365 9.27 -13.16 12.29
N TYR A 366 10.60 -13.23 12.35
CA TYR A 366 11.28 -14.47 12.01
C TYR A 366 10.91 -15.58 12.98
N SER A 367 10.80 -15.25 14.27
CA SER A 367 10.47 -16.28 15.24
C SER A 367 9.07 -16.85 15.03
N TYR A 368 8.18 -16.13 14.34
CA TYR A 368 6.85 -16.62 14.02
C TYR A 368 6.73 -17.13 12.58
N GLY A 369 7.83 -17.22 11.85
CA GLY A 369 7.79 -17.83 10.53
C GLY A 369 7.11 -16.99 9.47
N LEU A 370 7.31 -15.68 9.50
CA LEU A 370 6.86 -14.82 8.42
C LEU A 370 7.32 -15.37 7.07
N ASP A 371 6.38 -15.48 6.12
CA ASP A 371 6.66 -16.12 4.84
C ASP A 371 7.15 -15.14 3.78
N ILE A 372 6.43 -14.03 3.61
CA ILE A 372 6.68 -13.08 2.53
C ILE A 372 6.47 -11.67 3.08
N VAL A 373 7.33 -10.75 2.65
CA VAL A 373 7.19 -9.33 2.94
C VAL A 373 7.03 -8.60 1.60
N PHE A 374 6.03 -7.73 1.53
CA PHE A 374 5.85 -6.82 0.39
C PHE A 374 6.04 -5.39 0.86
N THR A 375 6.81 -4.60 0.10
CA THR A 375 7.01 -3.19 0.41
C THR A 375 6.91 -2.35 -0.86
N GLY A 376 6.99 -1.03 -0.68
CA GLY A 376 7.04 -0.08 -1.77
C GLY A 376 8.24 0.83 -1.68
N HIS A 377 8.03 2.14 -1.83
CA HIS A 377 8.97 3.20 -1.46
C HIS A 377 10.11 3.37 -2.48
N VAL A 378 10.82 2.30 -2.79
CA VAL A 378 11.88 2.36 -3.79
C VAL A 378 11.26 2.23 -5.17
N HIS A 379 11.54 3.19 -6.06
CA HIS A 379 10.84 3.25 -7.34
C HIS A 379 11.55 2.35 -8.35
N ALA A 380 11.38 1.05 -8.12
CA ALA A 380 11.97 -0.02 -8.92
C ALA A 380 11.38 -1.32 -8.38
N TYR A 381 11.78 -2.43 -8.98
CA TYR A 381 11.32 -3.75 -8.56
C TYR A 381 12.50 -4.53 -8.00
N GLU A 382 12.30 -5.19 -6.86
CA GLU A 382 13.35 -6.05 -6.34
C GLU A 382 12.74 -7.24 -5.62
N ARG A 383 13.38 -8.41 -5.75
CA ARG A 383 13.01 -9.60 -5.01
C ARG A 383 14.26 -10.16 -4.33
N SER A 384 14.16 -10.41 -3.02
CA SER A 384 15.26 -11.00 -2.27
C SER A 384 15.19 -12.51 -2.31
N ASN A 385 16.36 -13.15 -2.18
CA ASN A 385 16.42 -14.51 -1.69
C ASN A 385 15.95 -14.55 -0.23
N ARG A 386 15.61 -15.75 0.25
CA ARG A 386 15.22 -15.85 1.66
C ARG A 386 16.36 -15.38 2.55
N VAL A 387 16.05 -14.48 3.48
CA VAL A 387 17.11 -13.75 4.19
C VAL A 387 16.60 -13.44 5.59
N PHE A 388 17.53 -13.48 6.55
CA PHE A 388 17.27 -13.03 7.90
C PHE A 388 18.54 -12.38 8.44
N ASN A 389 18.41 -11.15 8.92
CA ASN A 389 19.54 -10.39 9.47
C ASN A 389 20.73 -10.42 8.50
N TYR A 390 20.45 -10.07 7.24
CA TYR A 390 21.42 -9.96 6.15
C TYR A 390 22.09 -11.29 5.80
N THR A 391 21.57 -12.40 6.31
CA THR A 391 22.14 -13.71 6.05
C THR A 391 21.16 -14.54 5.24
N LEU A 392 21.63 -15.12 4.15
CA LEU A 392 20.81 -16.09 3.45
C LEU A 392 20.42 -17.20 4.42
N ASP A 393 19.13 -17.47 4.51
CA ASP A 393 18.57 -18.31 5.56
C ASP A 393 17.35 -19.03 4.99
N PRO A 394 17.34 -20.37 4.96
CA PRO A 394 16.21 -21.07 4.35
C PRO A 394 14.88 -20.86 5.06
N CYS A 395 14.91 -20.31 6.27
CA CYS A 395 13.70 -19.98 7.02
C CYS A 395 13.43 -18.48 7.05
N GLY A 396 14.25 -17.68 6.37
CA GLY A 396 13.99 -16.27 6.26
C GLY A 396 12.89 -15.98 5.25
N ALA A 397 12.25 -14.83 5.44
CA ALA A 397 11.19 -14.40 4.53
C ALA A 397 11.77 -14.01 3.17
N VAL A 398 10.93 -14.12 2.15
CA VAL A 398 11.19 -13.50 0.86
C VAL A 398 10.72 -12.05 0.94
N HIS A 399 11.62 -11.11 0.67
CA HIS A 399 11.28 -9.69 0.67
C HIS A 399 11.14 -9.20 -0.77
N ILE A 400 9.96 -8.68 -1.10
CA ILE A 400 9.67 -8.20 -2.45
C ILE A 400 9.25 -6.75 -2.36
N SER A 401 9.87 -5.90 -3.19
CA SER A 401 9.60 -4.47 -3.17
C SER A 401 9.04 -4.06 -4.52
N VAL A 402 7.81 -3.53 -4.51
CA VAL A 402 7.08 -3.13 -5.71
C VAL A 402 6.65 -1.67 -5.62
N GLY A 403 7.56 -0.79 -5.21
CA GLY A 403 7.28 0.63 -5.20
C GLY A 403 7.36 1.26 -6.57
N ASP A 404 7.20 0.45 -7.62
CA ASP A 404 7.33 0.91 -9.00
C ASP A 404 5.98 1.12 -9.67
N GLY A 405 5.02 1.73 -8.97
CA GLY A 405 3.66 1.89 -9.48
C GLY A 405 3.51 2.95 -10.56
N GLY A 406 4.47 3.85 -10.69
CA GLY A 406 4.48 4.80 -11.80
C GLY A 406 4.35 6.28 -11.48
N ASN A 407 4.57 6.69 -10.23
CA ASN A 407 4.43 8.10 -9.89
C ASN A 407 5.49 8.94 -10.61
N ARG A 408 5.33 10.26 -10.54
CA ARG A 408 6.16 11.17 -11.33
C ARG A 408 7.56 11.38 -10.76
N GLU A 409 7.86 10.87 -9.56
CA GLU A 409 9.23 10.99 -9.05
C GLU A 409 10.15 10.09 -9.87
N LYS A 410 11.45 10.39 -9.80
CA LYS A 410 12.40 9.65 -10.61
C LYS A 410 12.46 8.18 -10.20
N MET A 411 12.68 7.33 -11.21
CA MET A 411 12.94 5.93 -10.96
C MET A 411 14.24 5.76 -10.16
N ALA A 412 14.26 4.73 -9.32
CA ALA A 412 15.50 4.31 -8.69
C ALA A 412 16.31 3.50 -9.71
N THR A 413 17.50 3.99 -10.06
CA THR A 413 18.32 3.31 -11.06
C THR A 413 19.70 2.94 -10.55
N THR A 414 20.33 3.79 -9.75
CA THR A 414 21.65 3.52 -9.19
CA THR A 414 21.65 3.48 -9.23
C THR A 414 21.56 2.50 -8.07
N HIS A 415 22.55 1.62 -7.98
CA HIS A 415 22.62 0.66 -6.89
C HIS A 415 23.71 1.07 -5.90
N ALA A 416 23.46 0.82 -4.62
CA ALA A 416 24.45 1.17 -3.61
C ALA A 416 25.78 0.47 -3.85
N ASP A 417 25.75 -0.69 -4.52
CA ASP A 417 26.96 -1.45 -4.80
C ASP A 417 27.61 -1.05 -6.12
N ASP A 418 26.98 -0.16 -6.89
CA ASP A 418 27.63 0.38 -8.08
C ASP A 418 28.91 1.09 -7.67
N PRO A 419 29.96 1.03 -8.48
CA PRO A 419 31.21 1.71 -8.11
C PRO A 419 30.96 3.17 -7.75
N GLY A 420 31.48 3.57 -6.59
CA GLY A 420 31.41 4.95 -6.15
C GLY A 420 30.05 5.44 -5.70
N ARG A 421 29.04 4.56 -5.60
CA ARG A 421 27.69 4.99 -5.28
C ARG A 421 27.25 4.63 -3.86
N CYS A 422 28.13 4.03 -3.06
CA CYS A 422 27.76 3.69 -1.69
C CYS A 422 27.53 4.98 -0.90
N PRO A 423 26.36 5.18 -0.30
CA PRO A 423 26.08 6.46 0.36
C PRO A 423 26.79 6.58 1.70
N GLU A 424 26.92 7.82 2.14
CA GLU A 424 27.46 8.08 3.47
C GLU A 424 26.48 7.58 4.52
N PRO A 425 26.93 6.80 5.50
CA PRO A 425 25.98 6.19 6.45
C PRO A 425 25.05 7.18 7.13
N MET A 426 25.57 8.30 7.64
CA MET A 426 24.71 9.22 8.37
C MET A 426 23.70 9.93 7.47
N SER A 427 23.78 9.76 6.16
CA SER A 427 22.81 10.34 5.25
C SER A 427 21.61 9.44 5.01
N THR A 428 21.59 8.23 5.58
CA THR A 428 20.60 7.23 5.17
C THR A 428 19.37 7.10 6.07
N PRO A 429 19.43 7.40 7.37
CA PRO A 429 18.28 7.10 8.24
C PRO A 429 17.08 7.96 7.90
N ASP A 430 15.89 7.41 8.14
CA ASP A 430 14.65 8.14 7.91
C ASP A 430 14.54 9.30 8.89
N ALA A 431 14.45 10.52 8.36
CA ALA A 431 14.47 11.70 9.21
C ALA A 431 13.20 11.82 10.05
N PHE A 432 12.06 11.40 9.50
CA PHE A 432 10.79 11.55 10.21
C PHE A 432 10.74 10.64 11.44
N MET A 433 11.25 9.42 11.32
CA MET A 433 11.20 8.49 12.44
C MET A 433 12.41 8.61 13.36
N GLY A 434 13.53 9.11 12.85
CA GLY A 434 14.71 9.27 13.68
C GLY A 434 15.41 7.95 13.99
N GLY A 435 16.52 8.08 14.70
CA GLY A 435 17.37 6.95 15.04
C GLY A 435 18.41 6.66 13.98
N PHE A 436 19.46 5.93 14.39
CA PHE A 436 20.44 5.41 13.44
C PHE A 436 20.85 4.01 13.88
N CYS A 437 20.66 3.03 12.98
CA CYS A 437 20.88 1.64 13.29
C CYS A 437 21.71 0.94 12.21
N ALA A 438 22.16 1.64 11.17
CA ALA A 438 22.74 1.01 9.99
C ALA A 438 24.27 0.99 10.11
N PHE A 439 24.78 0.01 10.83
CA PHE A 439 26.21 -0.12 11.02
C PHE A 439 26.84 -0.98 9.93
N ASN A 440 28.15 -0.78 9.73
CA ASN A 440 28.88 -1.55 8.75
C ASN A 440 28.79 -3.04 9.05
N PHE A 441 28.81 -3.85 8.00
CA PHE A 441 28.78 -5.29 8.19
C PHE A 441 30.05 -5.76 8.88
N THR A 442 29.90 -6.80 9.68
CA THR A 442 31.00 -7.37 10.45
C THR A 442 31.36 -8.77 9.99
N SER A 443 30.66 -9.30 8.99
CA SER A 443 30.94 -10.62 8.47
C SER A 443 30.44 -10.67 7.02
N GLY A 444 30.77 -11.77 6.34
CA GLY A 444 30.35 -11.96 4.98
C GLY A 444 31.20 -11.20 4.01
N PRO A 445 30.86 -11.29 2.72
CA PRO A 445 31.70 -10.67 1.69
C PRO A 445 31.95 -9.17 1.88
N ALA A 446 31.01 -8.44 2.47
CA ALA A 446 31.13 -7.00 2.64
C ALA A 446 31.59 -6.59 4.03
N ALA A 447 32.16 -7.52 4.80
CA ALA A 447 32.60 -7.23 6.15
C ALA A 447 33.44 -5.96 6.18
N GLY A 448 33.14 -5.08 7.14
CA GLY A 448 33.86 -3.83 7.31
C GLY A 448 33.37 -2.69 6.45
N SER A 449 32.41 -2.92 5.56
CA SER A 449 31.92 -1.90 4.66
CA SER A 449 31.91 -1.90 4.65
C SER A 449 30.44 -1.64 4.91
N PHE A 450 29.95 -0.53 4.37
CA PHE A 450 28.54 -0.16 4.45
C PHE A 450 27.73 -0.78 3.32
N CYS A 451 28.39 -1.10 2.21
CA CYS A 451 27.77 -1.65 1.01
C CYS A 451 28.66 -2.74 0.45
N TRP A 452 28.07 -3.57 -0.41
CA TRP A 452 28.84 -4.50 -1.24
C TRP A 452 29.47 -3.75 -2.41
N ASP A 453 30.38 -4.42 -3.12
CA ASP A 453 30.90 -3.89 -4.38
C ASP A 453 30.32 -4.61 -5.58
N ARG A 454 29.27 -5.42 -5.36
CA ARG A 454 28.55 -6.12 -6.41
C ARG A 454 27.17 -6.41 -5.85
N GLN A 455 26.29 -6.92 -6.70
CA GLN A 455 24.93 -7.16 -6.24
C GLN A 455 24.94 -8.09 -5.03
N PRO A 456 24.40 -7.69 -3.88
CA PRO A 456 24.45 -8.56 -2.69
C PRO A 456 23.79 -9.91 -2.96
N ASP A 457 24.32 -10.95 -2.32
CA ASP A 457 23.82 -12.28 -2.63
CA ASP A 457 23.84 -12.30 -2.58
C ASP A 457 22.41 -12.52 -2.10
N TYR A 458 21.89 -11.66 -1.23
CA TYR A 458 20.49 -11.79 -0.81
C TYR A 458 19.53 -11.09 -1.76
N SER A 459 20.04 -10.47 -2.82
CA SER A 459 19.20 -9.83 -3.84
C SER A 459 19.10 -10.78 -5.03
N ALA A 460 17.92 -11.37 -5.22
CA ALA A 460 17.72 -12.32 -6.31
C ALA A 460 17.53 -11.64 -7.66
N TYR A 461 16.80 -10.53 -7.69
CA TYR A 461 16.40 -9.92 -8.96
C TYR A 461 16.10 -8.45 -8.72
N ARG A 462 16.61 -7.59 -9.60
CA ARG A 462 16.29 -6.17 -9.51
C ARG A 462 16.21 -5.58 -10.90
N GLU A 463 15.20 -4.73 -11.11
CA GLU A 463 14.95 -4.12 -12.40
C GLU A 463 14.28 -2.77 -12.22
N SER A 464 14.78 -1.74 -12.92
CA SER A 464 14.22 -0.40 -12.86
C SER A 464 13.14 -0.25 -13.93
N SER A 465 11.96 -0.80 -13.62
CA SER A 465 10.78 -0.70 -14.47
C SER A 465 9.54 -0.54 -13.62
N PHE A 466 8.55 0.17 -14.16
CA PHE A 466 7.24 0.25 -13.54
C PHE A 466 6.49 -1.07 -13.75
N GLY A 467 5.54 -1.35 -12.86
CA GLY A 467 4.74 -2.55 -12.98
C GLY A 467 3.99 -2.85 -11.69
N HIS A 468 3.50 -4.08 -11.60
CA HIS A 468 2.72 -4.54 -10.46
C HIS A 468 2.94 -6.03 -10.31
N GLY A 469 2.65 -6.55 -9.11
CA GLY A 469 2.78 -7.96 -8.84
C GLY A 469 1.46 -8.66 -8.62
N ILE A 470 1.46 -9.98 -8.81
CA ILE A 470 0.30 -10.81 -8.52
C ILE A 470 0.78 -12.01 -7.73
N LEU A 471 0.15 -12.26 -6.58
CA LEU A 471 0.43 -13.43 -5.75
C LEU A 471 -0.71 -14.43 -5.90
N GLU A 472 -0.36 -15.66 -6.25
CA GLU A 472 -1.33 -16.74 -6.44
C GLU A 472 -1.00 -17.85 -5.46
N VAL A 473 -1.63 -17.83 -4.29
CA VAL A 473 -1.40 -18.88 -3.31
C VAL A 473 -2.18 -20.11 -3.73
N LYS A 474 -1.47 -21.25 -3.86
CA LYS A 474 -2.07 -22.47 -4.38
C LYS A 474 -2.55 -23.43 -3.30
N ASN A 475 -1.77 -23.59 -2.24
CA ASN A 475 -2.13 -24.46 -1.12
C ASN A 475 -1.25 -24.07 0.05
N GLU A 476 -1.24 -24.90 1.08
CA GLU A 476 -0.61 -24.44 2.32
C GLU A 476 0.90 -24.34 2.22
N THR A 477 1.53 -24.90 1.19
CA THR A 477 2.98 -24.81 1.07
C THR A 477 3.49 -24.09 -0.18
N HIS A 478 2.65 -23.85 -1.18
CA HIS A 478 3.12 -23.32 -2.46
C HIS A 478 2.34 -22.06 -2.85
N ALA A 479 3.07 -21.03 -3.27
CA ALA A 479 2.46 -19.82 -3.82
C ALA A 479 3.29 -19.36 -5.02
N LEU A 480 2.61 -18.91 -6.07
CA LEU A 480 3.27 -18.40 -7.26
C LEU A 480 3.24 -16.88 -7.24
N TRP A 481 4.42 -16.27 -7.32
CA TRP A 481 4.55 -14.82 -7.43
C TRP A 481 4.96 -14.47 -8.86
N LYS A 482 4.29 -13.49 -9.44
CA LYS A 482 4.66 -12.95 -10.76
C LYS A 482 4.66 -11.44 -10.70
N TRP A 483 5.72 -10.82 -11.21
CA TRP A 483 5.80 -9.38 -11.37
C TRP A 483 5.71 -9.07 -12.86
N HIS A 484 4.88 -8.09 -13.21
CA HIS A 484 4.57 -7.74 -14.59
C HIS A 484 5.06 -6.33 -14.88
N ARG A 485 5.87 -6.14 -15.93
CA ARG A 485 6.35 -4.80 -16.21
C ARG A 485 5.34 -4.07 -17.11
N ASN A 486 5.42 -2.73 -17.09
CA ASN A 486 4.46 -1.92 -17.85
C ASN A 486 4.83 -1.82 -19.32
N GLN A 487 6.12 -1.64 -19.63
CA GLN A 487 6.46 -1.43 -21.03
C GLN A 487 6.20 -2.67 -21.87
N ASP A 488 6.01 -3.82 -21.23
CA ASP A 488 5.52 -5.01 -21.91
C ASP A 488 3.99 -5.04 -21.83
N LEU A 489 3.35 -5.21 -22.98
CA LEU A 489 1.90 -5.27 -23.04
C LEU A 489 1.37 -6.52 -23.72
N TYR A 490 2.22 -7.38 -24.26
CA TYR A 490 1.71 -8.55 -24.97
C TYR A 490 1.11 -9.55 -23.98
N GLN A 491 0.24 -10.42 -24.51
CA GLN A 491 -0.51 -11.35 -23.67
C GLN A 491 0.44 -12.24 -22.88
N GLY A 492 0.36 -12.16 -21.55
CA GLY A 492 1.11 -13.05 -20.68
C GLY A 492 2.50 -12.60 -20.30
N ALA A 493 2.87 -11.34 -20.56
CA ALA A 493 4.20 -10.88 -20.22
C ALA A 493 4.43 -10.94 -18.72
N VAL A 494 5.60 -11.46 -18.33
CA VAL A 494 6.02 -11.61 -16.95
C VAL A 494 7.50 -11.25 -16.88
N GLY A 495 7.87 -10.38 -15.95
CA GLY A 495 9.26 -9.95 -15.84
C GLY A 495 10.04 -10.77 -14.83
N ASP A 496 9.35 -11.31 -13.84
CA ASP A 496 9.99 -12.10 -12.81
C ASP A 496 8.94 -13.02 -12.21
N GLU A 497 9.36 -14.23 -11.89
CA GLU A 497 8.41 -15.26 -11.45
C GLU A 497 9.16 -16.22 -10.54
N ILE A 498 8.53 -16.59 -9.43
CA ILE A 498 9.15 -17.51 -8.48
C ILE A 498 8.05 -18.29 -7.78
N TYR A 499 8.25 -19.60 -7.65
CA TYR A 499 7.42 -20.40 -6.77
C TYR A 499 7.99 -20.30 -5.37
N ILE A 500 7.18 -19.77 -4.44
CA ILE A 500 7.56 -19.63 -3.04
C ILE A 500 7.01 -20.84 -2.30
N VAL A 501 7.91 -21.64 -1.73
CA VAL A 501 7.54 -22.87 -1.06
C VAL A 501 7.88 -22.74 0.41
N ARG A 502 6.90 -22.92 1.27
CA ARG A 502 7.19 -22.84 2.70
C ARG A 502 7.36 -24.24 3.27
N GLU A 503 8.14 -24.31 4.35
CA GLU A 503 8.61 -25.56 4.94
C GLU A 503 8.37 -25.50 6.45
N PRO A 504 7.11 -25.57 6.87
CA PRO A 504 6.82 -25.37 8.29
C PRO A 504 7.49 -26.38 9.22
N GLU A 505 7.68 -27.63 8.79
CA GLU A 505 8.36 -28.58 9.67
C GLU A 505 9.83 -28.24 9.83
N ARG A 506 10.41 -27.53 8.86
CA ARG A 506 11.79 -27.08 8.96
C ARG A 506 11.92 -25.89 9.89
N CYS A 507 10.96 -24.96 9.80
CA CYS A 507 11.17 -23.61 10.32
C CYS A 507 10.36 -23.25 11.55
N LEU A 508 9.26 -23.95 11.82
CA LEU A 508 8.39 -23.64 12.95
C LEU A 508 8.41 -24.74 14.00
C1 NAG B . -6.37 28.75 6.27
C2 NAG B . -6.54 30.25 6.34
C3 NAG B . -5.73 30.89 7.40
C4 NAG B . -5.78 30.22 8.75
C5 NAG B . -5.87 28.69 8.66
C6 NAG B . -6.37 28.13 9.95
C7 NAG B . -7.09 31.52 4.19
C8 NAG B . -6.61 32.10 2.86
N2 NAG B . -6.12 30.81 5.02
O3 NAG B . -6.21 32.27 7.55
O4 NAG B . -4.55 30.40 9.47
O5 NAG B . -6.76 28.21 7.60
O6 NAG B . -7.77 28.22 10.00
O7 NAG B . -8.21 31.64 4.56
H1 NAG B . -5.43 28.55 6.13
H2 NAG B . -7.48 30.45 6.48
H3 NAG B . -4.81 30.92 7.12
H4 NAG B . -6.53 30.56 9.27
H5 NAG B . -4.98 28.34 8.47
H61 NAG B . -5.98 28.64 10.68
H62 NAG B . -6.09 27.20 10.02
H81 NAG B . -5.90 32.73 3.01
H82 NAG B . -7.35 32.54 2.41
H83 NAG B . -6.28 31.38 2.29
HN2 NAG B . -5.31 30.73 4.75
HO3 NAG B . -5.57 32.77 7.79
HO6 NAG B . -8.06 27.68 10.59
C1 NAG B . -4.22 31.73 9.87
C2 NAG B . -3.84 31.64 11.34
C3 NAG B . -3.34 32.92 11.88
C4 NAG B . -2.17 33.40 11.06
C5 NAG B . -2.60 33.57 9.60
C6 NAG B . -1.43 34.01 8.75
C7 NAG B . -5.06 29.95 12.85
C8 NAG B . -6.33 29.44 13.51
N2 NAG B . -5.09 31.16 12.02
O3 NAG B . -2.91 32.74 13.26
O4 NAG B . -1.68 34.64 11.58
O5 NAG B . -3.13 32.32 9.03
O6 NAG B . -1.82 34.03 7.41
O7 NAG B . -4.03 29.38 13.02
H1 NAG B . -5.01 32.29 9.79
H2 NAG B . -3.15 30.97 11.43
H3 NAG B . -4.04 33.59 11.84
H4 NAG B . -1.47 32.73 11.11
H5 NAG B . -3.29 34.25 9.56
H61 NAG B . -0.69 33.40 8.88
H62 NAG B . -1.16 34.90 9.03
H81 NAG B . -6.14 28.65 14.02
H82 NAG B . -6.99 29.24 12.82
H83 NAG B . -6.70 30.13 14.10
HN2 NAG B . -5.84 31.56 11.88
HO3 NAG B . -3.24 33.37 13.74
HO4 NAG B . -0.91 34.51 11.91
HO6 NAG B . -2.39 34.65 7.29
C1 NAG C . 5.98 6.13 -18.79
C2 NAG C . 7.12 5.27 -19.29
C3 NAG C . 7.73 5.83 -20.53
C4 NAG C . 6.73 6.14 -21.59
C5 NAG C . 5.64 7.05 -21.00
C6 NAG C . 4.58 7.47 -22.00
C7 NAG C . 8.68 4.03 -17.71
C8 NAG C . 9.77 4.07 -16.64
N2 NAG C . 8.18 5.27 -18.25
O3 NAG C . 8.69 4.87 -21.06
O4 NAG C . 7.42 6.81 -22.66
O5 NAG C . 5.00 6.39 -19.87
O6 NAG C . 3.62 6.48 -22.18
O7 NAG C . 8.24 2.99 -18.09
H1 NAG C . 6.34 6.98 -18.49
H2 NAG C . 6.81 4.37 -19.45
H3 NAG C . 8.21 6.64 -20.31
H4 NAG C . 6.33 5.32 -21.92
H5 NAG C . 6.08 7.85 -20.67
H61 NAG C . 5.00 7.66 -22.85
H62 NAG C . 4.15 8.28 -21.67
H81 NAG C . 9.46 4.56 -15.87
H82 NAG C . 10.55 4.51 -17.00
H83 NAG C . 10.01 3.17 -16.38
HN2 NAG C . 8.51 6.02 -17.96
HO3 NAG C . 9.46 5.04 -20.76
HO6 NAG C . 3.16 6.39 -21.46
C1 NAG C . 7.96 5.85 -23.71
C2 NAG C . 8.32 6.64 -24.96
C3 NAG C . 8.67 5.71 -26.08
C4 NAG C . 9.72 4.71 -25.70
C5 NAG C . 9.43 4.03 -24.37
C6 NAG C . 10.60 3.16 -23.99
C7 NAG C . 7.14 8.91 -25.09
C8 NAG C . 5.93 9.75 -25.52
N2 NAG C . 7.15 7.47 -25.38
O3 NAG C . 9.14 6.51 -27.20
O4 NAG C . 9.76 3.71 -26.71
O5 NAG C . 9.14 5.02 -23.32
O6 NAG C . 10.22 2.31 -22.94
O7 NAG C . 8.06 9.41 -24.54
H1 NAG C . 7.24 5.24 -23.96
H2 NAG C . 9.08 7.21 -24.77
H3 NAG C . 7.87 5.24 -26.35
H4 NAG C . 10.59 5.16 -25.65
H5 NAG C . 8.64 3.47 -24.48
H61 NAG C . 11.33 3.72 -23.71
H62 NAG C . 10.87 2.62 -24.76
H81 NAG C . 5.82 9.70 -26.49
H82 NAG C . 6.07 10.67 -25.26
H83 NAG C . 5.13 9.41 -25.09
HN2 NAG C . 6.48 7.11 -25.78
HO3 NAG C . 8.63 6.38 -27.87
HO4 NAG C . 8.99 3.36 -26.80
HO6 NAG C . 9.71 1.69 -23.23
FE FE D . 7.16 6.54 -3.48
FE FE E . 7.97 6.38 -0.14
C1 NAG F . 2.44 29.02 -6.83
C2 NAG F . 2.62 29.60 -8.23
C3 NAG F . 4.04 29.51 -8.67
C4 NAG F . 4.94 30.15 -7.66
C5 NAG F . 4.74 29.49 -6.29
C6 NAG F . 5.69 30.04 -5.27
C7 NAG F . 0.47 29.37 -9.56
C8 NAG F . -0.47 28.56 -10.46
N2 NAG F . 1.74 28.82 -9.14
O3 NAG F . 4.21 30.17 -9.96
O4 NAG F . 6.30 30.00 -8.08
O5 NAG F . 3.36 29.68 -5.84
O6 NAG F . 5.05 31.01 -4.49
O7 NAG F . 0.15 30.45 -9.18
H1 NAG F . 2.64 28.07 -6.86
H2 NAG F . 2.35 30.52 -8.23
H3 NAG F . 4.28 28.58 -8.76
H4 NAG F . 4.73 31.10 -7.59
H5 NAG F . 4.91 28.54 -6.39
H61 NAG F . 6.45 30.43 -5.71
H62 NAG F . 6.00 29.32 -4.70
H81 NAG F . -1.27 29.07 -10.64
H82 NAG F . -0.70 27.73 -10.03
H83 NAG F . -0.01 28.37 -11.30
HN2 NAG F . 1.98 28.02 -9.39
HO3 NAG F . 4.66 29.67 -10.48
HO4 NAG F . 6.49 30.62 -8.63
HO6 NAG F . 5.24 31.78 -4.79
C1 NAG G . 5.02 16.43 15.06
C2 NAG G . 5.78 16.06 16.30
C3 NAG G . 6.62 14.88 15.99
C4 NAG G . 5.74 13.74 15.58
C5 NAG G . 4.96 14.07 14.29
C6 NAG G . 4.06 12.91 13.94
C7 NAG G . 6.54 17.95 17.86
C8 NAG G . 7.40 19.21 18.08
N2 NAG G . 6.61 17.26 16.57
O3 NAG G . 7.42 14.55 17.16
O4 NAG G . 6.58 12.59 15.34
O5 NAG G . 4.19 15.34 14.41
O6 NAG G . 3.11 12.67 14.94
O7 NAG G . 5.85 17.55 18.73
H1 NAG G . 5.62 16.80 14.41
H2 NAG G . 5.18 15.86 17.04
H3 NAG G . 7.21 15.11 15.25
H4 NAG G . 5.12 13.54 16.30
H5 NAG G . 5.60 14.19 13.58
H61 NAG G . 4.61 12.12 13.82
H62 NAG G . 3.61 13.11 13.11
H81 NAG G . 8.34 18.98 17.96
H82 NAG G . 7.25 19.54 18.97
H83 NAG G . 7.15 19.88 17.43
HN2 NAG G . 7.11 17.59 15.95
HO3 NAG G . 8.03 15.14 17.26
HO4 NAG G . 6.76 12.23 16.09
HO6 NAG G . 2.87 11.85 14.91
C1 NAG H . 22.26 -9.69 13.51
C2 NAG H . 22.08 -10.07 14.97
C3 NAG H . 22.91 -9.24 15.86
C4 NAG H . 24.35 -9.28 15.44
C5 NAG H . 24.49 -8.79 13.99
C6 NAG H . 25.92 -8.85 13.56
C7 NAG H . 19.82 -11.05 15.69
C8 NAG H . 18.33 -10.86 16.04
N2 NAG H . 20.64 -9.90 15.32
O3 NAG H . 22.82 -9.74 17.23
O4 NAG H . 25.13 -8.44 16.30
O5 NAG H . 23.70 -9.64 13.09
O6 NAG H . 26.33 -10.20 13.51
O7 NAG H . 20.29 -12.14 15.70
H1 NAG H . 21.86 -8.82 13.36
H2 NAG H . 22.33 -11.01 15.09
H3 NAG H . 22.59 -8.33 15.83
H4 NAG H . 24.67 -10.19 15.49
H5 NAG H . 24.17 -7.88 13.93
H61 NAG H . 26.48 -8.37 14.20
H62 NAG H . 26.02 -8.45 12.68
H81 NAG H . 17.86 -10.47 15.28
H82 NAG H . 18.25 -10.27 16.81
H83 NAG H . 17.94 -11.73 16.25
HN2 NAG H . 20.29 -9.11 15.31
HO3 NAG H . 22.88 -9.08 17.77
HO4 NAG H . 24.86 -7.64 16.23
HO6 NAG H . 26.98 -10.31 14.04
C1 NAG I . 32.05 1.64 6.91
C2 NAG I . 33.29 2.38 7.43
C3 NAG I . 33.57 3.59 6.62
C4 NAG I . 33.72 3.24 5.17
C5 NAG I . 32.46 2.56 4.68
C6 NAG I . 32.57 2.19 3.23
C7 NAG I . 33.50 1.91 9.92
C8 NAG I . 33.25 2.31 11.38
N2 NAG I . 33.04 2.78 8.85
O3 NAG I . 34.80 4.22 7.10
O4 NAG I . 33.98 4.43 4.43
O5 NAG I . 32.21 1.33 5.45
O6 NAG I . 31.38 1.56 2.85
O7 NAG I . 34.05 0.89 9.66
H1 NAG I . 31.28 2.20 7.02
H2 NAG I . 34.05 1.78 7.40
H3 NAG I . 32.83 4.22 6.72
H4 NAG I . 34.47 2.64 5.07
H5 NAG I . 31.70 3.16 4.80
H61 NAG I . 33.31 1.59 3.10
H62 NAG I . 32.70 3.00 2.70
H81 NAG I . 32.30 2.39 11.55
H82 NAG I . 33.69 3.15 11.57
H83 NAG I . 33.62 1.62 11.97
HN2 NAG I . 32.64 3.52 9.02
HO3 NAG I . 34.77 5.06 6.93
HO4 NAG I . 34.47 4.25 3.75
HO6 NAG I . 31.56 0.83 2.44
C1 NAG J . 0.45 -27.27 -4.08
C2 NAG J . 0.26 -28.69 -4.54
C3 NAG J . 1.34 -29.10 -5.47
C4 NAG J . 1.39 -28.17 -6.66
C5 NAG J . 1.60 -26.71 -6.21
C6 NAG J . 1.53 -25.76 -7.37
C7 NAG J . 1.14 -30.06 -2.44
C8 NAG J . 2.62 -30.15 -2.84
N2 NAG J . 0.10 -29.42 -3.25
O3 NAG J . 1.06 -30.45 -5.92
O4 NAG J . 2.46 -28.55 -7.51
O5 NAG J . 0.57 -26.32 -5.24
O6 NAG J . 0.19 -25.60 -7.78
O7 NAG J . 0.80 -30.56 -1.42
H1 NAG J . 1.25 -27.21 -3.55
H2 NAG J . -0.57 -28.74 -5.03
H3 NAG J . 2.20 -29.08 -5.02
H4 NAG J . 0.55 -28.23 -7.14
H5 NAG J . 2.47 -26.64 -5.79
H61 NAG J . 2.05 -26.11 -8.10
H62 NAG J . 1.87 -24.89 -7.09
H81 NAG J . 2.98 -29.27 -2.94
H82 NAG J . 2.69 -30.63 -3.68
H83 NAG J . 3.11 -30.64 -2.15
HN2 NAG J . -0.70 -29.43 -2.91
HO3 NAG J . 1.50 -31.00 -5.47
HO4 NAG J . 2.18 -28.62 -8.30
HO6 NAG J . 0.18 -25.20 -8.54
P PO4 K . 9.73 8.56 -2.14
O1 PO4 K . 8.52 8.29 -2.98
O2 PO4 K . 9.41 8.29 -0.70
O3 PO4 K . 10.87 7.69 -2.64
O4 PO4 K . 10.13 10.01 -2.33
P PO4 L . 12.96 -0.24 23.33
O1 PO4 L . 11.72 0.20 22.61
O2 PO4 L . 12.62 -1.37 24.27
O3 PO4 L . 13.98 -0.72 22.33
O4 PO4 L . 13.53 0.91 24.12
P PO4 M . 19.15 7.32 -8.23
O1 PO4 M . 18.59 8.39 -9.13
O2 PO4 M . 18.39 7.32 -6.92
O3 PO4 M . 18.99 5.99 -8.90
O4 PO4 M . 20.60 7.61 -7.97
C1 PGE N . -6.84 -33.23 6.93
O1 PGE N . -7.59 -33.22 5.74
C2 PGE N . -6.57 -31.81 7.39
O2 PGE N . -5.95 -31.12 6.34
C3 PGE N . -5.17 -30.03 6.74
C4 PGE N . -4.76 -29.25 5.49
O4 PGE N . -3.72 -31.53 2.07
C6 PGE N . -2.95 -30.45 2.50
C5 PGE N . -3.78 -29.52 3.38
O3 PGE N . -3.91 -30.02 4.69
H1 PGE N . -7.33 -33.71 7.62
H12 PGE N . -6.00 -33.69 6.76
HO1 PGE N . -8.15 -32.57 5.76
H2 PGE N . -7.40 -31.37 7.62
H22 PGE N . -5.98 -31.82 8.16
H3 PGE N . -5.67 -29.45 7.33
H32 PGE N . -4.38 -30.35 7.19
H4 PGE N . -5.54 -29.01 4.99
H42 PGE N . -4.29 -28.44 5.76
HO4 PGE N . -4.36 -31.24 1.58
H6 PGE N . -2.62 -29.95 1.74
H62 PGE N . -2.19 -30.78 3.02
H5 PGE N . -4.66 -29.41 2.99
H52 PGE N . -3.36 -28.65 3.43
C1 PGE O . -8.51 -10.84 17.58
O1 PGE O . -9.87 -11.13 17.58
C2 PGE O . -8.10 -10.25 16.23
O2 PGE O . -6.75 -9.84 16.18
C3 PGE O . -6.14 -9.38 17.36
C4 PGE O . -4.81 -8.70 17.07
O4 PGE O . -5.01 -7.16 21.21
C6 PGE O . -4.86 -8.19 20.28
C5 PGE O . -3.96 -7.76 19.13
O3 PGE O . -3.93 -8.78 18.16
H1 PGE O . -8.33 -10.20 18.28
H12 PGE O . -8.01 -11.66 17.74
HO1 PGE O . -10.25 -10.80 18.27
H2 PGE O . -8.26 -10.91 15.53
H22 PGE O . -8.66 -9.48 16.06
H3 PGE O . -6.00 -10.12 17.98
H32 PGE O . -6.73 -8.73 17.79
H4 PGE O . -4.39 -9.15 16.31
H42 PGE O . -4.96 -7.77 16.83
HO4 PGE O . -5.82 -7.12 21.46
H6 PGE O . -5.73 -8.44 19.93
H62 PGE O . -4.46 -8.96 20.73
H5 PGE O . -3.07 -7.60 19.46
H52 PGE O . -4.31 -6.95 18.73
C1 PGE P . 27.10 -11.54 5.94
O1 PGE P . 27.22 -12.67 6.76
C2 PGE P . 26.28 -10.44 6.62
O2 PGE P . 26.05 -10.76 7.97
C3 PGE P . 26.25 -9.71 8.88
C4 PGE P . 25.02 -9.49 9.76
O4 PGE P . 24.84 -5.00 10.96
C6 PGE P . 25.33 -6.17 10.37
C5 PGE P . 24.31 -7.30 10.50
O3 PGE P . 24.47 -8.24 9.47
H1 PGE P . 27.99 -11.20 5.74
H12 PGE P . 26.67 -11.79 5.11
HO1 PGE P . 27.51 -13.32 6.29
H2 PGE P . 26.78 -9.61 6.57
H22 PGE P . 25.43 -10.34 6.17
H3 PGE P . 27.03 -9.89 9.44
H32 PGE P . 26.41 -8.89 8.38
H4 PGE P . 24.36 -10.18 9.58
H42 PGE P . 25.27 -9.53 10.70
HO4 PGE P . 25.48 -4.44 11.05
H6 PGE P . 26.16 -6.43 10.80
H62 PGE P . 25.49 -6.00 9.43
H5 PGE P . 23.42 -6.93 10.45
H52 PGE P . 24.42 -7.74 11.37
C1 PEG Q . -28.66 -7.65 8.24
O1 PEG Q . -27.47 -7.62 8.98
C2 PEG Q . -29.17 -6.22 8.07
O2 PEG Q . -29.92 -6.11 6.89
C3 PEG Q . -31.29 -5.87 7.01
C4 PEG Q . -32.06 -7.18 6.81
O4 PEG Q . -33.30 -6.89 6.19
H11 PEG Q . -28.50 -8.04 7.36
H12 PEG Q . -29.33 -8.17 8.72
HO1 PEG Q . -27.50 -6.99 9.54
H21 PEG Q . -29.72 -5.96 8.83
H22 PEG Q . -28.41 -5.62 8.00
H31 PEG Q . -31.49 -5.50 7.88
H32 PEG Q . -31.56 -5.24 6.32
H41 PEG Q . -31.56 -7.77 6.24
H42 PEG Q . -32.22 -7.60 7.67
HO4 PEG Q . -33.34 -7.33 5.47
C1 PEG R . -24.31 19.67 -2.92
O1 PEG R . -25.41 20.26 -3.56
C2 PEG R . -23.26 20.75 -2.62
O2 PEG R . -22.12 20.15 -2.08
C3 PEG R . -20.88 20.67 -2.50
C4 PEG R . -20.44 21.80 -1.57
O4 PEG R . -19.24 22.34 -2.04
H11 PEG R . -24.59 19.27 -2.08
H12 PEG R . -23.91 18.99 -3.49
HO1 PEG R . -25.94 20.57 -2.97
H21 PEG R . -23.02 21.22 -3.44
H22 PEG R . -23.62 21.39 -1.99
H31 PEG R . -20.21 19.96 -2.48
H32 PEG R . -20.97 21.00 -3.41
H41 PEG R . -21.12 22.50 -1.56
H42 PEG R . -20.32 21.45 -0.67
HO4 PEG R . -19.18 23.15 -1.81
C1 PEG S . -21.34 -7.36 -11.69
O1 PEG S . -21.38 -8.70 -12.08
C2 PEG S . -19.89 -6.88 -11.55
O2 PEG S . -19.20 -7.50 -10.50
C3 PEG S . -17.94 -6.95 -10.24
C4 PEG S . -17.28 -7.58 -9.00
O4 PEG S . -16.93 -8.92 -9.24
H11 PEG S . -21.80 -6.81 -12.35
H12 PEG S . -21.80 -7.26 -10.83
HO1 PEG S . -22.10 -8.86 -12.50
H21 PEG S . -19.42 -7.05 -12.39
H22 PEG S . -19.89 -5.91 -11.40
H31 PEG S . -17.37 -7.08 -11.00
H32 PEG S . -18.06 -6.00 -10.07
H41 PEG S . -16.47 -7.08 -8.79
H42 PEG S . -17.88 -7.54 -8.25
HO4 PEG S . -16.56 -9.25 -8.55
C1 PEG T . 11.78 3.42 -28.47
O1 PEG T . 10.87 2.37 -28.72
C2 PEG T . 11.18 4.74 -28.98
O2 PEG T . 12.13 5.42 -29.74
C3 PEG T . 11.64 6.42 -30.58
C4 PEG T . 11.25 7.66 -29.78
O4 PEG T . 11.02 8.73 -30.64
H11 PEG T . 11.94 3.48 -27.52
H12 PEG T . 12.61 3.25 -28.92
HO1 PEG T . 11.30 1.65 -28.80
H21 PEG T . 10.40 4.56 -29.52
H22 PEG T . 10.92 5.29 -28.22
H31 PEG T . 12.33 6.67 -31.22
H32 PEG T . 10.86 6.09 -31.06
H41 PEG T . 10.45 7.47 -29.25
H42 PEG T . 11.98 7.89 -29.17
HO4 PEG T . 11.02 9.46 -30.21
C1 EDO U . 6.19 -19.38 17.83
O1 EDO U . 5.38 -19.65 18.95
C2 EDO U . 7.17 -18.25 18.17
O2 EDO U . 7.18 -18.05 19.56
H11 EDO U . 6.68 -20.18 17.60
H12 EDO U . 5.63 -19.10 17.08
HO1 EDO U . 5.80 -20.16 19.48
H21 EDO U . 8.05 -18.49 17.87
H22 EDO U . 6.88 -17.43 17.74
HO2 EDO U . 7.64 -17.35 19.73
C1 EDO V . -11.93 -24.87 -1.84
O1 EDO V . -10.99 -25.13 -2.83
C2 EDO V . -11.52 -25.55 -0.53
O2 EDO V . -12.53 -25.39 0.43
H11 EDO V . -12.00 -23.91 -1.70
H12 EDO V . -12.80 -25.22 -2.12
HO1 EDO V . -11.37 -25.48 -3.51
H21 EDO V . -11.38 -26.50 -0.70
H22 EDO V . -10.69 -25.16 -0.21
HO2 EDO V . -12.31 -24.78 0.96
C1 EDO W . -28.40 -11.34 0.72
O1 EDO W . -27.96 -11.41 2.04
C2 EDO W . -29.92 -11.25 0.63
O2 EDO W . -30.26 -11.25 -0.73
H11 EDO W . -28.00 -10.56 0.30
H12 EDO W . -28.10 -12.14 0.25
HO1 EDO W . -27.29 -11.93 2.09
H21 EDO W . -30.31 -12.02 1.07
H22 EDO W . -30.22 -10.43 1.04
HO2 EDO W . -30.35 -12.05 -1.00
C1 EDO X . 32.36 -6.18 -1.24
O1 EDO X . 31.30 -7.09 -1.29
C2 EDO X . 32.26 -5.29 0.00
O2 EDO X . 32.60 -3.97 -0.33
H11 EDO X . 33.20 -6.66 -1.23
H12 EDO X . 32.32 -5.61 -2.03
HO1 EDO X . 31.31 -7.49 -2.04
H21 EDO X . 31.35 -5.30 0.34
H22 EDO X . 32.87 -5.62 0.68
HO2 EDO X . 32.47 -3.47 0.34
C1 EDO Y . -19.59 -21.06 -0.76
O1 EDO Y . -20.68 -20.17 -0.73
C2 EDO Y . -18.90 -20.99 -2.12
O2 EDO Y . -18.29 -19.73 -2.29
H11 EDO Y . -19.92 -21.96 -0.61
H12 EDO Y . -18.96 -20.82 -0.07
HO1 EDO Y . -21.39 -20.60 -0.92
H21 EDO Y . -19.55 -21.14 -2.82
H22 EDO Y . -18.22 -21.68 -2.16
HO2 EDO Y . -18.20 -19.57 -3.11
C1 EDO Z . -9.58 -25.91 3.92
O1 EDO Z . -10.07 -24.71 3.54
C2 EDO Z . -10.53 -26.96 3.41
O2 EDO Z . -9.97 -28.19 3.71
H11 EDO Z . -9.52 -25.95 4.89
H12 EDO Z . -8.70 -26.04 3.53
HO1 EDO Z . -9.75 -24.50 2.79
H21 EDO Z . -10.65 -26.87 2.45
H22 EDO Z . -11.38 -26.87 3.85
HO2 EDO Z . -10.44 -28.58 4.31
C1 EDO AA . -12.36 2.20 9.22
O1 EDO AA . -11.35 3.13 8.96
C2 EDO AA . -13.72 2.87 9.10
O2 EDO AA . -14.00 3.62 10.25
H11 EDO AA . -12.25 1.84 10.11
H12 EDO AA . -12.30 1.47 8.57
HO1 EDO AA . -10.95 2.92 8.25
H21 EDO AA . -14.41 2.20 8.98
H22 EDO AA . -13.72 3.47 8.33
HO2 EDO AA . -14.35 3.11 10.84
C1 EDO BA . 27.31 0.25 -13.00
O1 EDO BA . 26.63 0.90 -14.04
C2 EDO BA . 27.03 -1.24 -13.08
O2 EDO BA . 28.05 -1.94 -12.40
H11 EDO BA . 26.99 0.59 -12.14
H12 EDO BA . 28.26 0.42 -13.07
HO1 EDO BA . 25.80 0.87 -13.90
H21 EDO BA . 27.04 -1.52 -14.01
H22 EDO BA . 26.18 -1.45 -12.68
HO2 EDO BA . 27.70 -2.55 -11.93
#